data_4R5W
#
_entry.id   4R5W
#
_cell.length_a   74.525
_cell.length_b   67.662
_cell.length_c   91.165
_cell.angle_alpha   90.00
_cell.angle_beta   111.28
_cell.angle_gamma   90.00
#
_symmetry.space_group_name_H-M   'P 1 21 1'
#
loop_
_entity.id
_entity.type
_entity.pdbx_description
1 polymer 'Poly [ADP-ribose] polymerase 1'
2 non-polymer 'SULFATE ION'
3 non-polymer 2-[4-(trifluoromethyl)phenyl]-7,8-dihydro-5H-thiopyrano[4,3-d]pyrimidin-4-ol
4 water water
#
_entity_poly.entity_id   1
_entity_poly.type   'polypeptide(L)'
_entity_poly.pdbx_seq_one_letter_code
;MKSKLPKPVQDLIKMIFDVESMKKAMVEYEIDLQKMPLGKLSKRQIQAAYSILSEVQQAVSQGSSDSQILDLSNRFYTLI
PHDFGMKKPPLLNNADSVQAKAEMLDNLLDIEVAYSLLRGGSDDSSKDPIDVNYEKLKTDIKVVDRDSEEAEIIRKYVKN
THATTHNAYDLEVIDIFKIEREGECQRYKPFKQLHNRRLLWHGSRTTNFAGILSQGLRIAPPEAPVTGYMFGKGIYFADM
VSKSANYCHTSQGDPIGLILLGEVALGNMYELKHASHISKLPKGKHSVKGLGKTTPDPSANISLDGVDVPLGTGISSGVN
DTSLLYNEYIVYDIAQVNLKYLLKLKFNFKTAHHHHHH
;
_entity_poly.pdbx_strand_id   A,B
#
loop_
_chem_comp.id
_chem_comp.type
_chem_comp.name
_chem_comp.formula
SO4 non-polymer 'SULFATE ION' 'O4 S -2'
XAV non-polymer 2-[4-(trifluoromethyl)phenyl]-7,8-dihydro-5H-thiopyrano[4,3-d]pyrimidin-4-ol 'C14 H11 F3 N2 O S'
#
# COMPACT_ATOMS: atom_id res chain seq x y z
N MET A 1 -4.44 14.92 30.27
CA MET A 1 -5.04 14.08 31.31
C MET A 1 -4.15 12.86 31.53
N LYS A 2 -3.63 12.68 32.78
CA LYS A 2 -2.68 11.60 33.14
C LYS A 2 -3.20 10.20 32.75
N SER A 3 -2.41 9.48 31.91
CA SER A 3 -2.71 8.16 31.36
C SER A 3 -3.10 7.15 32.41
N LYS A 4 -4.06 6.28 32.04
CA LYS A 4 -4.56 5.23 32.95
C LYS A 4 -4.05 3.85 32.49
N LEU A 5 -3.09 3.85 31.55
CA LEU A 5 -2.44 2.64 31.02
C LEU A 5 -1.42 2.09 32.02
N PRO A 6 -1.30 0.74 32.17
CA PRO A 6 -0.29 0.19 33.07
C PRO A 6 1.10 0.71 32.72
N LYS A 7 2.01 0.92 33.71
CA LYS A 7 3.35 1.44 33.42
C LYS A 7 4.08 0.56 32.37
N PRO A 8 4.06 -0.81 32.42
CA PRO A 8 4.75 -1.56 31.36
C PRO A 8 4.23 -1.27 29.94
N VAL A 9 2.92 -0.93 29.80
CA VAL A 9 2.31 -0.57 28.49
C VAL A 9 2.80 0.82 28.11
N GLN A 10 2.73 1.78 29.03
CA GLN A 10 3.22 3.15 28.82
C GLN A 10 4.68 3.13 28.35
N ASP A 11 5.56 2.42 29.10
CA ASP A 11 6.99 2.26 28.84
C ASP A 11 7.26 1.58 27.48
N LEU A 12 6.30 0.80 26.95
CA LEU A 12 6.44 0.16 25.65
C LEU A 12 6.18 1.19 24.56
N ILE A 13 5.20 2.09 24.80
CA ILE A 13 4.87 3.17 23.85
C ILE A 13 6.09 4.11 23.74
N LYS A 14 6.70 4.46 24.87
CA LYS A 14 7.86 5.36 24.93
C LYS A 14 9.05 4.77 24.15
N MET A 15 9.24 3.47 24.27
CA MET A 15 10.30 2.69 23.66
C MET A 15 10.25 2.72 22.14
N ILE A 16 9.13 2.20 21.58
CA ILE A 16 8.88 2.03 20.16
C ILE A 16 8.66 3.34 19.41
N PHE A 17 8.42 4.45 20.11
CA PHE A 17 8.19 5.72 19.45
C PHE A 17 9.37 6.71 19.68
N ASP A 18 10.44 6.27 20.39
CA ASP A 18 11.63 7.08 20.65
C ASP A 18 12.30 7.53 19.36
N VAL A 19 12.34 8.85 19.13
CA VAL A 19 12.94 9.50 17.95
C VAL A 19 14.47 9.39 18.00
N GLU A 20 15.05 9.40 19.20
CA GLU A 20 16.51 9.31 19.34
C GLU A 20 17.00 7.93 18.91
N SER A 21 16.24 6.85 19.24
CA SER A 21 16.52 5.50 18.78
C SER A 21 16.45 5.44 17.24
N MET A 22 15.44 6.16 16.64
CA MET A 22 15.21 6.18 15.19
C MET A 22 16.42 6.76 14.49
N LYS A 23 16.85 7.98 14.90
CA LYS A 23 18.01 8.67 14.37
C LYS A 23 19.29 7.83 14.58
N LYS A 24 19.43 7.17 15.77
CA LYS A 24 20.59 6.33 16.12
C LYS A 24 20.76 5.21 15.06
N ALA A 25 19.63 4.63 14.58
CA ALA A 25 19.59 3.56 13.59
C ALA A 25 20.09 4.07 12.22
N MET A 26 19.63 5.25 11.80
CA MET A 26 20.01 5.89 10.54
C MET A 26 21.51 6.14 10.53
N VAL A 27 22.04 6.68 11.64
CA VAL A 27 23.46 6.99 11.83
C VAL A 27 24.28 5.67 11.75
N GLU A 28 23.80 4.60 12.42
CA GLU A 28 24.43 3.28 12.37
C GLU A 28 24.54 2.79 10.91
N TYR A 29 23.50 3.07 10.09
CA TYR A 29 23.42 2.71 8.66
C TYR A 29 24.28 3.65 7.78
N GLU A 30 24.90 4.67 8.43
CA GLU A 30 25.78 5.66 7.86
C GLU A 30 25.05 6.52 6.87
N ILE A 31 23.78 6.89 7.19
CA ILE A 31 22.98 7.78 6.34
C ILE A 31 23.31 9.22 6.75
N ASP A 32 23.42 10.15 5.76
CA ASP A 32 23.71 11.55 6.05
C ASP A 32 22.43 12.21 6.56
N LEU A 33 22.36 12.53 7.85
CA LEU A 33 21.19 13.12 8.48
C LEU A 33 21.02 14.60 8.16
N GLN A 34 22.03 15.21 7.55
CA GLN A 34 21.94 16.60 7.14
C GLN A 34 21.17 16.62 5.83
N LYS A 35 21.57 15.75 4.89
CA LYS A 35 20.93 15.66 3.59
C LYS A 35 19.59 14.89 3.68
N MET A 36 19.53 13.84 4.51
CA MET A 36 18.35 12.98 4.68
C MET A 36 17.88 12.90 6.15
N PRO A 37 17.31 13.98 6.75
CA PRO A 37 16.80 13.86 8.12
C PRO A 37 15.55 12.98 8.19
N LEU A 38 15.20 12.52 9.42
CA LEU A 38 14.06 11.66 9.72
C LEU A 38 12.78 12.07 8.99
N GLY A 39 12.45 13.34 9.00
CA GLY A 39 11.23 13.86 8.41
C GLY A 39 11.20 13.90 6.90
N LYS A 40 12.37 13.78 6.25
CA LYS A 40 12.50 13.82 4.80
C LYS A 40 12.21 12.44 4.15
N LEU A 41 12.31 11.36 4.94
CA LEU A 41 12.06 9.98 4.53
C LEU A 41 10.67 9.78 3.95
N SER A 42 10.57 9.15 2.77
CA SER A 42 9.26 8.86 2.16
C SER A 42 9.16 7.41 1.73
N LYS A 43 7.91 6.91 1.60
CA LYS A 43 7.66 5.55 1.12
C LYS A 43 8.14 5.48 -0.33
N ARG A 44 7.90 6.55 -1.12
CA ARG A 44 8.30 6.63 -2.52
C ARG A 44 9.83 6.68 -2.70
N GLN A 45 10.54 7.17 -1.69
CA GLN A 45 11.99 7.25 -1.67
C GLN A 45 12.56 5.85 -1.50
N ILE A 46 12.06 5.10 -0.50
CA ILE A 46 12.50 3.75 -0.20
C ILE A 46 12.13 2.78 -1.36
N GLN A 47 10.90 2.92 -1.94
CA GLN A 47 10.43 2.09 -3.06
C GLN A 47 11.33 2.30 -4.29
N ALA A 48 11.71 3.57 -4.56
CA ALA A 48 12.59 3.92 -5.67
C ALA A 48 13.97 3.33 -5.45
N ALA A 49 14.45 3.30 -4.19
CA ALA A 49 15.75 2.73 -3.84
C ALA A 49 15.75 1.23 -4.00
N TYR A 50 14.63 0.57 -3.65
CA TYR A 50 14.43 -0.87 -3.84
C TYR A 50 14.54 -1.21 -5.32
N SER A 51 13.89 -0.39 -6.18
CA SER A 51 13.88 -0.54 -7.64
C SER A 51 15.30 -0.48 -8.21
N ILE A 52 16.16 0.40 -7.67
CA ILE A 52 17.56 0.54 -8.09
C ILE A 52 18.35 -0.70 -7.67
N LEU A 53 18.03 -1.30 -6.52
CA LEU A 53 18.72 -2.50 -6.06
C LEU A 53 18.39 -3.70 -6.94
N SER A 54 17.16 -3.74 -7.48
CA SER A 54 16.71 -4.80 -8.40
C SER A 54 17.37 -4.61 -9.75
N GLU A 55 17.61 -3.33 -10.12
CA GLU A 55 18.28 -2.94 -11.36
C GLU A 55 19.73 -3.36 -11.26
N VAL A 56 20.34 -3.20 -10.06
CA VAL A 56 21.72 -3.58 -9.77
C VAL A 56 21.82 -5.08 -9.88
N GLN A 57 20.95 -5.82 -9.17
CA GLN A 57 20.94 -7.27 -9.21
C GLN A 57 20.83 -7.81 -10.64
N GLN A 58 19.95 -7.21 -11.45
CA GLN A 58 19.77 -7.58 -12.85
C GLN A 58 21.03 -7.27 -13.66
N ALA A 59 21.57 -6.03 -13.53
CA ALA A 59 22.79 -5.58 -14.19
C ALA A 59 23.97 -6.56 -13.98
N VAL A 60 24.24 -6.92 -12.71
CA VAL A 60 25.31 -7.83 -12.30
C VAL A 60 25.13 -9.20 -12.96
N SER A 61 23.91 -9.78 -12.87
CA SER A 61 23.57 -11.09 -13.42
C SER A 61 23.44 -11.12 -14.96
N GLN A 62 23.19 -9.96 -15.60
CA GLN A 62 23.04 -9.85 -17.07
C GLN A 62 24.31 -9.32 -17.75
N GLY A 63 25.42 -9.30 -16.99
CA GLY A 63 26.73 -8.87 -17.47
C GLY A 63 26.82 -7.45 -17.99
N SER A 64 26.44 -6.47 -17.15
CA SER A 64 26.52 -5.05 -17.50
C SER A 64 27.93 -4.54 -17.25
N SER A 65 28.28 -3.39 -17.85
CA SER A 65 29.62 -2.80 -17.72
C SER A 65 29.80 -2.16 -16.36
N ASP A 66 31.04 -2.11 -15.86
CA ASP A 66 31.40 -1.52 -14.58
C ASP A 66 30.87 -0.07 -14.47
N SER A 67 30.88 0.70 -15.58
CA SER A 67 30.36 2.07 -15.65
C SER A 67 28.86 2.10 -15.42
N GLN A 68 28.14 1.09 -15.97
CA GLN A 68 26.69 0.97 -15.80
C GLN A 68 26.39 0.67 -14.31
N ILE A 69 27.12 -0.31 -13.72
CA ILE A 69 27.00 -0.71 -12.31
C ILE A 69 27.33 0.47 -11.39
N LEU A 70 28.41 1.23 -11.66
CA LEU A 70 28.77 2.38 -10.85
C LEU A 70 27.69 3.47 -10.94
N ASP A 71 27.16 3.74 -12.15
CA ASP A 71 26.11 4.73 -12.36
C ASP A 71 24.87 4.41 -11.57
N LEU A 72 24.50 3.12 -11.52
CA LEU A 72 23.39 2.57 -10.77
C LEU A 72 23.62 2.74 -9.26
N SER A 73 24.85 2.41 -8.80
CA SER A 73 25.32 2.54 -7.40
C SER A 73 25.25 4.01 -6.98
N ASN A 74 25.64 4.93 -7.87
CA ASN A 74 25.58 6.38 -7.65
C ASN A 74 24.16 6.85 -7.54
N ARG A 75 23.23 6.28 -8.34
CA ARG A 75 21.82 6.66 -8.28
C ARG A 75 21.27 6.32 -6.91
N PHE A 76 21.59 5.10 -6.38
CA PHE A 76 21.16 4.66 -5.06
C PHE A 76 21.58 5.67 -3.99
N TYR A 77 22.88 6.00 -3.94
CA TYR A 77 23.49 6.93 -2.97
C TYR A 77 23.02 8.39 -3.15
N THR A 78 22.46 8.73 -4.31
CA THR A 78 21.89 10.06 -4.55
C THR A 78 20.53 10.12 -3.82
N LEU A 79 19.73 9.05 -3.99
CA LEU A 79 18.40 8.84 -3.42
C LEU A 79 18.40 8.72 -1.89
N ILE A 80 19.27 7.86 -1.31
CA ILE A 80 19.48 7.67 0.12
C ILE A 80 20.92 8.18 0.42
N PRO A 81 21.13 9.50 0.63
CA PRO A 81 22.49 9.99 0.86
C PRO A 81 23.10 9.42 2.13
N HIS A 82 24.32 8.92 1.96
CA HIS A 82 25.09 8.35 3.05
C HIS A 82 26.28 9.26 3.38
N ASP A 83 26.84 9.10 4.59
CA ASP A 83 28.00 9.85 5.07
C ASP A 83 29.04 8.86 5.54
N PHE A 84 30.10 8.71 4.73
CA PHE A 84 31.17 7.76 5.02
C PHE A 84 32.43 8.42 5.57
N GLY A 85 32.41 9.75 5.69
CA GLY A 85 33.55 10.53 6.14
C GLY A 85 34.65 10.48 5.11
N MET A 86 35.83 9.98 5.52
CA MET A 86 37.00 9.83 4.63
C MET A 86 36.80 8.70 3.61
N LYS A 87 36.03 7.66 4.00
CA LYS A 87 35.73 6.46 3.21
C LYS A 87 34.86 6.80 1.99
N LYS A 88 34.96 5.96 0.96
CA LYS A 88 34.20 6.10 -0.29
C LYS A 88 32.94 5.24 -0.17
N PRO A 89 31.83 5.56 -0.88
CA PRO A 89 30.63 4.72 -0.74
C PRO A 89 30.86 3.33 -1.35
N PRO A 90 30.55 2.25 -0.58
CA PRO A 90 30.74 0.89 -1.07
C PRO A 90 30.00 0.67 -2.38
N LEU A 91 30.71 0.12 -3.35
CA LEU A 91 30.15 -0.16 -4.66
C LEU A 91 29.15 -1.31 -4.53
N LEU A 92 27.96 -1.11 -5.08
CA LEU A 92 26.89 -2.10 -5.07
C LEU A 92 27.04 -2.90 -6.34
N ASN A 93 28.06 -3.78 -6.38
CA ASN A 93 28.46 -4.58 -7.53
C ASN A 93 28.33 -6.09 -7.29
N ASN A 94 27.90 -6.48 -6.10
CA ASN A 94 27.73 -7.89 -5.76
C ASN A 94 26.47 -8.07 -4.98
N ALA A 95 25.96 -9.31 -4.92
CA ALA A 95 24.74 -9.69 -4.24
C ALA A 95 24.76 -9.36 -2.72
N ASP A 96 25.92 -9.53 -2.04
CA ASP A 96 26.06 -9.25 -0.60
C ASP A 96 25.77 -7.78 -0.28
N SER A 97 26.34 -6.86 -1.08
CA SER A 97 26.16 -5.41 -1.02
C SER A 97 24.68 -5.01 -1.16
N VAL A 98 23.92 -5.71 -2.02
CA VAL A 98 22.50 -5.40 -2.24
C VAL A 98 21.65 -6.00 -1.10
N GLN A 99 22.04 -7.18 -0.54
CA GLN A 99 21.32 -7.81 0.59
C GLN A 99 21.43 -6.92 1.83
N ALA A 100 22.57 -6.25 1.96
CA ALA A 100 22.85 -5.30 3.05
C ALA A 100 21.96 -4.06 2.91
N LYS A 101 21.81 -3.55 1.69
CA LYS A 101 21.03 -2.35 1.43
C LYS A 101 19.53 -2.66 1.48
N ALA A 102 19.12 -3.87 1.07
CA ALA A 102 17.72 -4.31 1.12
C ALA A 102 17.26 -4.44 2.58
N GLU A 103 18.14 -5.03 3.45
CA GLU A 103 17.93 -5.17 4.88
C GLU A 103 17.73 -3.80 5.51
N MET A 104 18.58 -2.81 5.14
CA MET A 104 18.53 -1.45 5.60
C MET A 104 17.23 -0.76 5.20
N LEU A 105 16.82 -0.92 3.93
CA LEU A 105 15.60 -0.28 3.41
C LEU A 105 14.38 -0.85 4.10
N ASP A 106 14.46 -2.15 4.48
CA ASP A 106 13.42 -2.89 5.23
C ASP A 106 13.20 -2.21 6.57
N ASN A 107 14.30 -1.92 7.27
CA ASN A 107 14.30 -1.26 8.56
C ASN A 107 13.94 0.21 8.43
N LEU A 108 14.42 0.93 7.39
CA LEU A 108 14.06 2.34 7.18
C LEU A 108 12.56 2.52 6.98
N LEU A 109 11.92 1.60 6.23
CA LEU A 109 10.49 1.62 5.96
C LEU A 109 9.68 1.73 7.23
N ASP A 110 9.98 0.88 8.25
CA ASP A 110 9.27 0.88 9.52
C ASP A 110 9.55 2.13 10.37
N ILE A 111 10.73 2.74 10.17
CA ILE A 111 11.13 3.99 10.84
C ILE A 111 10.27 5.14 10.24
N GLU A 112 10.05 5.13 8.91
CA GLU A 112 9.20 6.12 8.23
C GLU A 112 7.78 5.99 8.81
N VAL A 113 7.29 4.75 8.93
CA VAL A 113 5.95 4.43 9.39
C VAL A 113 5.77 4.90 10.84
N ALA A 114 6.76 4.66 11.70
CA ALA A 114 6.73 5.05 13.13
C ALA A 114 6.67 6.57 13.28
N TYR A 115 7.57 7.27 12.60
CA TYR A 115 7.71 8.69 12.68
C TYR A 115 6.51 9.41 12.02
N SER A 116 6.05 8.95 10.81
CA SER A 116 4.87 9.54 10.15
C SER A 116 3.66 9.43 11.08
N LEU A 117 3.48 8.25 11.70
CA LEU A 117 2.41 7.96 12.65
C LEU A 117 2.46 8.95 13.82
N LEU A 118 3.64 9.05 14.45
CA LEU A 118 3.94 9.90 15.58
C LEU A 118 3.72 11.39 15.31
N ARG A 119 4.17 11.89 14.14
CA ARG A 119 4.06 13.30 13.77
C ARG A 119 2.65 13.68 13.28
N GLY A 120 1.94 12.73 12.67
CA GLY A 120 0.56 12.90 12.19
C GLY A 120 -0.49 12.94 13.29
N GLY A 121 -1.75 13.19 12.90
CA GLY A 121 -2.89 13.27 13.82
C GLY A 121 -2.94 14.56 14.63
N SER A 122 -3.85 14.60 15.65
CA SER A 122 -4.09 15.75 16.52
C SER A 122 -2.90 16.06 17.40
N SER A 125 -6.07 17.35 21.59
CA SER A 125 -5.46 17.81 22.82
C SER A 125 -6.29 17.42 24.07
N SER A 126 -5.80 17.82 25.29
CA SER A 126 -6.35 17.61 26.65
C SER A 126 -6.26 16.15 27.16
N LYS A 127 -5.58 15.24 26.41
CA LYS A 127 -5.33 13.85 26.84
C LYS A 127 -3.80 13.57 26.71
N ASP A 128 -3.26 12.67 27.57
CA ASP A 128 -1.83 12.36 27.63
C ASP A 128 -1.28 11.93 26.29
N PRO A 129 -0.14 12.51 25.85
CA PRO A 129 0.45 12.07 24.58
C PRO A 129 0.79 10.57 24.53
N ILE A 130 0.85 9.87 25.68
CA ILE A 130 1.09 8.41 25.69
C ILE A 130 -0.23 7.70 25.27
N ASP A 131 -1.38 8.23 25.71
CA ASP A 131 -2.71 7.71 25.38
C ASP A 131 -2.99 7.90 23.91
N VAL A 132 -2.59 9.07 23.39
CA VAL A 132 -2.72 9.48 21.97
C VAL A 132 -1.94 8.50 21.10
N ASN A 133 -0.71 8.17 21.52
CA ASN A 133 0.19 7.32 20.77
C ASN A 133 -0.15 5.84 20.91
N TYR A 134 -0.78 5.44 22.01
CA TYR A 134 -1.27 4.06 22.17
C TYR A 134 -2.45 3.82 21.19
N GLU A 135 -3.34 4.85 21.05
CA GLU A 135 -4.49 4.81 20.17
C GLU A 135 -4.09 4.71 18.70
N LYS A 136 -3.01 5.41 18.29
CA LYS A 136 -2.44 5.42 16.93
C LYS A 136 -2.01 4.01 16.47
N LEU A 137 -1.55 3.17 17.44
CA LEU A 137 -1.11 1.81 17.13
C LEU A 137 -2.26 0.89 16.71
N LYS A 138 -3.53 1.27 16.96
CA LYS A 138 -4.74 0.49 16.63
C LYS A 138 -4.55 -1.01 17.01
N THR A 139 -4.06 -1.23 18.27
CA THR A 139 -3.73 -2.51 18.90
C THR A 139 -4.12 -2.49 20.38
N ASP A 140 -4.85 -3.52 20.83
CA ASP A 140 -5.19 -3.68 22.23
C ASP A 140 -3.99 -4.36 22.89
N ILE A 141 -3.28 -3.63 23.77
CA ILE A 141 -2.09 -4.14 24.45
C ILE A 141 -2.46 -4.38 25.91
N LYS A 142 -2.53 -5.67 26.31
CA LYS A 142 -2.87 -6.08 27.68
C LYS A 142 -1.63 -6.68 28.34
N VAL A 143 -1.47 -6.52 29.66
CA VAL A 143 -0.32 -7.13 30.33
C VAL A 143 -0.72 -8.54 30.78
N VAL A 144 0.10 -9.55 30.45
CA VAL A 144 -0.10 -10.92 30.90
C VAL A 144 0.54 -11.05 32.32
N ASP A 145 -0.24 -11.52 33.31
CA ASP A 145 0.21 -11.70 34.70
C ASP A 145 1.36 -12.70 34.80
N ARG A 146 2.42 -12.32 35.54
CA ARG A 146 3.64 -13.10 35.72
C ARG A 146 3.33 -14.54 36.09
N ASP A 147 2.33 -14.74 36.96
CA ASP A 147 1.97 -16.04 37.47
C ASP A 147 0.86 -16.76 36.70
N SER A 148 0.42 -16.24 35.55
CA SER A 148 -0.59 -16.90 34.71
C SER A 148 -0.07 -18.20 34.07
N GLU A 149 -1.00 -19.07 33.60
CA GLU A 149 -0.66 -20.33 32.92
C GLU A 149 0.09 -20.01 31.63
N GLU A 150 -0.44 -19.03 30.84
CA GLU A 150 0.16 -18.60 29.59
C GLU A 150 1.55 -18.03 29.79
N ALA A 151 1.78 -17.24 30.87
CA ALA A 151 3.10 -16.70 31.15
C ALA A 151 4.13 -17.80 31.42
N GLU A 152 3.70 -18.87 32.14
CA GLU A 152 4.53 -20.03 32.48
C GLU A 152 4.92 -20.78 31.19
N ILE A 153 3.98 -20.90 30.23
CA ILE A 153 4.17 -21.52 28.91
C ILE A 153 5.19 -20.72 28.09
N ILE A 154 5.05 -19.38 28.08
CA ILE A 154 5.92 -18.49 27.31
C ILE A 154 7.31 -18.46 27.93
N ARG A 155 7.42 -18.50 29.28
CA ARG A 155 8.74 -18.54 29.90
C ARG A 155 9.45 -19.88 29.63
N LYS A 156 8.68 -21.00 29.57
CA LYS A 156 9.20 -22.35 29.27
C LYS A 156 9.69 -22.39 27.82
N TYR A 157 8.92 -21.75 26.90
CA TYR A 157 9.23 -21.64 25.47
C TYR A 157 10.57 -20.91 25.30
N VAL A 158 10.77 -19.76 25.97
CA VAL A 158 12.01 -18.98 25.93
C VAL A 158 13.19 -19.79 26.51
N LYS A 159 13.03 -20.35 27.73
CA LYS A 159 14.05 -21.09 28.48
C LYS A 159 14.58 -22.31 27.72
N ASN A 160 13.66 -23.17 27.23
CA ASN A 160 13.96 -24.42 26.54
C ASN A 160 14.47 -24.24 25.12
N THR A 161 13.97 -23.21 24.39
CA THR A 161 14.39 -23.01 23.00
C THR A 161 15.58 -22.00 22.92
N HIS A 162 16.40 -21.90 23.97
CA HIS A 162 17.60 -21.07 23.98
C HIS A 162 18.85 -22.01 23.93
N ALA A 163 19.48 -22.09 22.73
CA ALA A 163 20.62 -22.96 22.42
C ALA A 163 21.99 -22.37 22.82
N THR A 164 23.05 -23.26 22.87
CA THR A 164 24.45 -22.98 23.29
C THR A 164 25.24 -22.12 22.26
N THR A 165 24.95 -22.29 20.93
CA THR A 165 25.60 -21.55 19.82
C THR A 165 25.35 -20.03 19.96
N HIS A 166 24.11 -19.67 20.38
CA HIS A 166 23.65 -18.31 20.62
C HIS A 166 23.84 -17.87 22.07
N ASN A 167 24.29 -18.81 22.95
CA ASN A 167 24.50 -18.55 24.39
C ASN A 167 25.76 -17.71 24.63
N ALA A 168 25.70 -16.45 24.18
CA ALA A 168 26.65 -15.36 24.38
C ALA A 168 25.89 -14.31 25.20
N TYR A 169 24.66 -14.67 25.53
CA TYR A 169 23.70 -13.94 26.35
C TYR A 169 22.68 -14.91 26.94
N ASP A 170 22.03 -14.49 28.04
CA ASP A 170 20.90 -15.17 28.68
C ASP A 170 19.70 -14.26 28.51
N LEU A 171 18.54 -14.83 28.21
CA LEU A 171 17.32 -14.06 28.05
C LEU A 171 16.52 -14.05 29.35
N GLU A 172 16.04 -12.86 29.72
CA GLU A 172 15.22 -12.61 30.91
C GLU A 172 13.94 -11.90 30.43
N VAL A 173 12.78 -12.56 30.57
CA VAL A 173 11.47 -12.02 30.17
C VAL A 173 11.02 -10.99 31.23
N ILE A 174 10.94 -9.72 30.84
CA ILE A 174 10.54 -8.65 31.75
C ILE A 174 9.02 -8.54 31.75
N ASP A 175 8.43 -8.28 30.58
CA ASP A 175 7.00 -8.12 30.41
C ASP A 175 6.49 -8.99 29.26
N ILE A 176 5.27 -9.48 29.41
CA ILE A 176 4.53 -10.26 28.41
C ILE A 176 3.27 -9.47 28.14
N PHE A 177 3.04 -9.13 26.87
CA PHE A 177 1.85 -8.41 26.46
C PHE A 177 1.03 -9.27 25.56
N LYS A 178 -0.30 -9.31 25.81
CA LYS A 178 -1.28 -9.97 24.94
C LYS A 178 -1.72 -8.88 23.98
N ILE A 179 -1.40 -9.05 22.68
CA ILE A 179 -1.74 -8.02 21.70
C ILE A 179 -2.77 -8.50 20.68
N GLU A 180 -3.61 -7.57 20.20
CA GLU A 180 -4.54 -7.84 19.09
C GLU A 180 -4.72 -6.56 18.26
N ARG A 181 -4.22 -6.63 17.02
CA ARG A 181 -4.31 -5.54 16.07
C ARG A 181 -5.69 -5.52 15.44
N GLU A 182 -6.25 -4.29 15.34
CA GLU A 182 -7.58 -4.00 14.79
C GLU A 182 -7.67 -4.55 13.37
N GLY A 183 -8.64 -5.45 13.15
CA GLY A 183 -8.92 -6.12 11.88
C GLY A 183 -8.11 -7.35 11.49
N GLU A 184 -7.07 -7.69 12.27
CA GLU A 184 -6.19 -8.83 11.97
C GLU A 184 -6.88 -10.19 12.15
N CYS A 185 -7.82 -10.32 13.14
CA CYS A 185 -8.53 -11.58 13.37
C CYS A 185 -9.41 -11.94 12.18
N GLN A 186 -10.16 -10.96 11.66
CA GLN A 186 -11.05 -11.18 10.53
C GLN A 186 -10.26 -11.55 9.29
N ARG A 187 -9.10 -10.91 9.11
CA ARG A 187 -8.16 -11.08 8.00
C ARG A 187 -7.60 -12.50 7.97
N TYR A 188 -7.30 -13.05 9.16
CA TYR A 188 -6.70 -14.36 9.38
C TYR A 188 -7.74 -15.47 9.32
N LYS A 189 -9.02 -15.18 9.63
CA LYS A 189 -10.11 -16.18 9.66
C LYS A 189 -10.08 -17.16 8.45
N PRO A 190 -9.98 -16.73 7.16
CA PRO A 190 -9.91 -17.72 6.06
C PRO A 190 -8.77 -18.73 6.18
N PHE A 191 -7.66 -18.32 6.81
CA PHE A 191 -6.47 -19.15 7.03
C PHE A 191 -6.50 -19.86 8.38
N LYS A 192 -7.42 -19.48 9.31
CA LYS A 192 -7.59 -20.16 10.61
C LYS A 192 -8.05 -21.60 10.34
N GLN A 193 -8.63 -21.81 9.13
CA GLN A 193 -9.14 -23.06 8.57
C GLN A 193 -8.00 -24.06 8.31
N LEU A 194 -6.91 -23.59 7.65
CA LEU A 194 -5.72 -24.37 7.29
C LEU A 194 -5.18 -25.18 8.46
N HIS A 195 -4.59 -26.32 8.13
CA HIS A 195 -3.94 -27.20 9.08
C HIS A 195 -2.56 -26.59 9.39
N ASN A 196 -1.77 -27.24 10.26
CA ASN A 196 -0.41 -26.88 10.63
C ASN A 196 -0.27 -25.39 11.03
N ARG A 197 -0.96 -24.99 12.10
CA ARG A 197 -0.88 -23.66 12.70
C ARG A 197 0.11 -23.76 13.86
N ARG A 198 1.16 -22.91 13.88
CA ARG A 198 2.14 -22.98 14.96
C ARG A 198 2.42 -21.59 15.55
N LEU A 199 2.76 -21.55 16.86
CA LEU A 199 3.09 -20.34 17.59
C LEU A 199 4.57 -20.16 17.48
N LEU A 200 5.00 -19.30 16.56
CA LEU A 200 6.40 -19.10 16.25
C LEU A 200 6.91 -17.71 16.66
N TRP A 201 8.24 -17.56 16.67
CA TRP A 201 8.94 -16.33 17.02
C TRP A 201 9.26 -15.42 15.83
N HIS A 202 9.19 -14.11 16.05
CA HIS A 202 9.62 -13.09 15.10
C HIS A 202 10.32 -11.98 15.88
N GLY A 203 11.62 -11.89 15.66
CA GLY A 203 12.46 -10.87 16.26
C GLY A 203 12.67 -9.75 15.27
N SER A 204 12.78 -8.54 15.79
CA SER A 204 13.00 -7.34 14.97
C SER A 204 13.55 -6.25 15.87
N ARG A 205 14.10 -5.20 15.27
CA ARG A 205 14.59 -4.02 15.94
C ARG A 205 13.44 -3.30 16.67
N THR A 206 13.73 -2.64 17.79
CA THR A 206 12.71 -1.90 18.56
C THR A 206 12.12 -0.77 17.70
N THR A 207 12.95 -0.17 16.80
CA THR A 207 12.61 0.93 15.87
C THR A 207 11.64 0.47 14.77
N ASN A 208 11.31 -0.83 14.73
CA ASN A 208 10.40 -1.48 13.79
C ASN A 208 9.04 -1.84 14.40
N PHE A 209 8.91 -1.80 15.73
CA PHE A 209 7.68 -2.27 16.37
C PHE A 209 6.51 -1.31 16.31
N ALA A 210 6.73 0.01 16.19
CA ALA A 210 5.60 0.94 16.05
C ALA A 210 4.83 0.60 14.77
N GLY A 211 5.57 0.45 13.67
CA GLY A 211 5.03 0.08 12.37
C GLY A 211 4.50 -1.33 12.30
N ILE A 212 5.10 -2.26 13.06
CA ILE A 212 4.68 -3.68 13.15
C ILE A 212 3.33 -3.72 13.82
N LEU A 213 3.16 -3.01 14.94
CA LEU A 213 1.88 -3.00 15.65
C LEU A 213 0.79 -2.27 14.84
N SER A 214 1.17 -1.16 14.17
CA SER A 214 0.26 -0.34 13.37
C SER A 214 -0.19 -1.09 12.11
N GLN A 215 0.76 -1.58 11.28
CA GLN A 215 0.39 -2.18 10.00
C GLN A 215 0.60 -3.70 9.92
N GLY A 216 1.06 -4.32 10.99
CA GLY A 216 1.29 -5.76 11.08
C GLY A 216 2.60 -6.16 10.42
N LEU A 217 2.91 -7.47 10.41
CA LEU A 217 4.13 -7.93 9.75
C LEU A 217 3.88 -7.94 8.24
N ARG A 218 4.71 -7.19 7.50
CA ARG A 218 4.60 -7.06 6.06
C ARG A 218 5.71 -7.81 5.34
N ILE A 219 5.57 -7.91 4.03
CA ILE A 219 6.47 -8.54 3.07
C ILE A 219 7.17 -7.40 2.32
N ALA A 220 8.40 -7.62 1.86
CA ALA A 220 9.09 -6.59 1.08
C ALA A 220 8.28 -6.27 -0.20
N PRO A 221 8.23 -5.02 -0.65
CA PRO A 221 7.34 -4.68 -1.78
C PRO A 221 7.78 -5.27 -3.13
N PRO A 222 6.97 -5.15 -4.21
CA PRO A 222 7.37 -5.74 -5.50
C PRO A 222 8.68 -5.17 -6.06
N GLU A 223 8.99 -3.89 -5.75
CA GLU A 223 10.20 -3.17 -6.16
C GLU A 223 11.47 -3.78 -5.53
N ALA A 224 11.34 -4.38 -4.33
CA ALA A 224 12.43 -5.00 -3.61
C ALA A 224 13.00 -6.19 -4.38
N PRO A 225 14.36 -6.40 -4.37
CA PRO A 225 14.91 -7.56 -5.10
C PRO A 225 14.59 -8.85 -4.37
N VAL A 226 14.06 -9.86 -5.09
CA VAL A 226 13.73 -11.14 -4.52
C VAL A 226 15.03 -11.88 -4.10
N THR A 227 16.15 -11.50 -4.72
CA THR A 227 17.48 -12.06 -4.49
C THR A 227 18.13 -11.49 -3.24
N GLY A 228 17.52 -10.47 -2.67
CA GLY A 228 18.02 -9.84 -1.45
C GLY A 228 17.52 -10.46 -0.17
N TYR A 229 16.79 -11.58 -0.29
CA TYR A 229 16.20 -12.32 0.82
C TYR A 229 16.44 -13.81 0.57
N MET A 230 16.93 -14.55 1.61
CA MET A 230 17.29 -15.97 1.53
C MET A 230 16.18 -16.84 0.89
N PHE A 231 14.95 -16.82 1.44
CA PHE A 231 13.87 -17.60 0.87
C PHE A 231 12.78 -16.73 0.15
N GLY A 232 13.22 -15.62 -0.42
CA GLY A 232 12.34 -14.70 -1.13
C GLY A 232 11.63 -13.71 -0.25
N LYS A 233 10.72 -12.91 -0.84
CA LYS A 233 10.03 -11.88 -0.08
C LYS A 233 8.77 -12.41 0.64
N GLY A 234 8.96 -12.86 1.88
CA GLY A 234 7.91 -13.37 2.75
C GLY A 234 8.08 -12.94 4.22
N ILE A 235 7.24 -13.47 5.12
CA ILE A 235 7.38 -13.18 6.56
C ILE A 235 8.09 -14.37 7.15
N TYR A 236 9.24 -14.11 7.84
CA TYR A 236 10.15 -15.07 8.43
C TYR A 236 9.92 -15.29 9.94
N PHE A 237 9.88 -16.54 10.35
CA PHE A 237 9.69 -16.92 11.75
C PHE A 237 10.68 -17.99 12.19
N ALA A 238 10.77 -18.23 13.49
CA ALA A 238 11.65 -19.27 14.04
C ALA A 238 10.94 -20.02 15.15
N ASP A 239 11.28 -21.31 15.35
CA ASP A 239 10.69 -22.14 16.41
C ASP A 239 11.58 -22.10 17.66
N MET A 240 12.75 -21.44 17.54
CA MET A 240 13.71 -21.32 18.65
C MET A 240 13.99 -19.86 18.93
N VAL A 241 13.66 -19.42 20.15
CA VAL A 241 13.75 -18.02 20.59
C VAL A 241 15.12 -17.40 20.27
N SER A 242 16.22 -18.13 20.52
CA SER A 242 17.56 -17.63 20.30
C SER A 242 17.78 -17.20 18.83
N LYS A 243 17.26 -17.94 17.83
CA LYS A 243 17.37 -17.61 16.40
C LYS A 243 16.75 -16.22 16.11
N SER A 244 15.54 -15.97 16.66
CA SER A 244 14.80 -14.72 16.49
C SER A 244 15.36 -13.58 17.35
N ALA A 245 15.91 -13.90 18.55
CA ALA A 245 16.49 -12.94 19.50
C ALA A 245 17.72 -12.26 18.92
N ASN A 246 18.34 -12.87 17.89
CA ASN A 246 19.52 -12.33 17.23
C ASN A 246 19.15 -11.22 16.26
N TYR A 247 17.85 -11.02 16.02
CA TYR A 247 17.34 -9.98 15.15
C TYR A 247 16.90 -8.74 15.96
N CYS A 248 16.96 -8.81 17.32
CA CYS A 248 16.49 -7.77 18.25
C CYS A 248 17.39 -6.54 18.29
N HIS A 249 18.62 -6.66 17.75
CA HIS A 249 19.62 -5.60 17.66
C HIS A 249 19.80 -4.87 19.00
N THR A 250 20.21 -5.65 20.02
CA THR A 250 20.50 -5.16 21.36
C THR A 250 22.02 -5.13 21.53
N SER A 251 22.48 -4.47 22.60
CA SER A 251 23.91 -4.30 22.89
C SER A 251 24.10 -4.09 24.37
N GLN A 252 25.37 -3.86 24.79
CA GLN A 252 25.77 -3.55 26.15
C GLN A 252 25.04 -2.27 26.59
N GLY A 253 25.01 -1.26 25.70
CA GLY A 253 24.36 0.04 25.91
C GLY A 253 22.84 -0.03 26.06
N ASP A 254 22.19 -0.85 25.22
CA ASP A 254 20.75 -1.07 25.27
C ASP A 254 20.48 -2.57 25.24
N PRO A 255 20.40 -3.23 26.43
CA PRO A 255 20.21 -4.70 26.45
C PRO A 255 18.75 -5.17 26.42
N ILE A 256 17.81 -4.27 26.11
CA ILE A 256 16.39 -4.62 26.12
C ILE A 256 15.89 -4.68 24.69
N GLY A 257 15.28 -5.81 24.37
CA GLY A 257 14.72 -6.05 23.05
C GLY A 257 13.25 -6.39 23.09
N LEU A 258 12.64 -6.43 21.90
CA LEU A 258 11.25 -6.80 21.72
C LEU A 258 11.16 -7.96 20.75
N ILE A 259 10.35 -8.97 21.09
CA ILE A 259 10.16 -10.17 20.27
C ILE A 259 8.66 -10.50 20.22
N LEU A 260 8.22 -11.11 19.10
CA LEU A 260 6.82 -11.48 18.87
C LEU A 260 6.56 -12.99 18.90
N LEU A 261 5.34 -13.34 19.31
CA LEU A 261 4.78 -14.68 19.20
C LEU A 261 3.59 -14.53 18.32
N GLY A 262 3.66 -15.15 17.15
CA GLY A 262 2.58 -15.12 16.18
C GLY A 262 2.06 -16.50 15.84
N GLU A 263 0.73 -16.60 15.69
CA GLU A 263 0.04 -17.81 15.24
C GLU A 263 0.12 -17.77 13.72
N VAL A 264 0.89 -18.70 13.15
CA VAL A 264 1.15 -18.77 11.71
C VAL A 264 0.48 -20.00 11.11
N ALA A 265 -0.47 -19.78 10.17
CA ALA A 265 -1.15 -20.85 9.46
C ALA A 265 -0.24 -21.35 8.30
N LEU A 266 0.59 -22.38 8.56
CA LEU A 266 1.60 -22.90 7.63
C LEU A 266 1.10 -23.87 6.55
N GLY A 267 0.06 -24.66 6.84
CA GLY A 267 -0.47 -25.64 5.89
C GLY A 267 0.61 -26.58 5.37
N ASN A 268 0.61 -26.88 4.05
CA ASN A 268 1.63 -27.75 3.44
C ASN A 268 2.91 -26.99 3.28
N MET A 269 3.98 -27.47 3.90
CA MET A 269 5.29 -26.81 3.92
C MET A 269 6.20 -27.28 2.81
N TYR A 270 6.82 -26.32 2.14
CA TYR A 270 7.79 -26.55 1.09
C TYR A 270 9.17 -26.60 1.79
N GLU A 271 9.51 -27.80 2.29
CA GLU A 271 10.72 -28.08 3.05
C GLU A 271 11.96 -27.98 2.18
N LEU A 272 12.90 -27.07 2.52
CA LEU A 272 14.15 -26.79 1.80
C LEU A 272 15.36 -26.78 2.75
N LYS A 273 16.53 -27.18 2.24
CA LYS A 273 17.78 -27.24 3.02
C LYS A 273 18.72 -26.10 2.63
N HIS A 274 18.52 -25.53 1.44
CA HIS A 274 19.37 -24.44 0.94
C HIS A 274 18.50 -23.33 0.39
N ALA A 275 19.02 -22.09 0.39
CA ALA A 275 18.34 -20.87 -0.08
C ALA A 275 17.64 -21.07 -1.40
N SER A 276 16.47 -20.44 -1.55
CA SER A 276 15.63 -20.47 -2.74
C SER A 276 14.90 -19.13 -2.83
N HIS A 277 15.12 -18.37 -3.92
CA HIS A 277 14.52 -17.04 -4.06
C HIS A 277 13.08 -17.10 -4.60
N ILE A 278 12.16 -17.54 -3.72
CA ILE A 278 10.76 -17.78 -4.03
C ILE A 278 9.99 -16.49 -4.36
N SER A 279 9.43 -16.45 -5.59
CA SER A 279 8.54 -15.38 -6.10
C SER A 279 7.10 -15.87 -5.88
N LYS A 280 6.77 -17.00 -6.49
CA LYS A 280 5.52 -17.72 -6.37
C LYS A 280 5.85 -19.09 -5.80
N LEU A 281 5.12 -19.46 -4.77
CA LEU A 281 5.21 -20.72 -4.04
C LEU A 281 4.74 -21.91 -4.95
N PRO A 282 5.27 -23.17 -4.80
CA PRO A 282 4.78 -24.29 -5.63
C PRO A 282 3.31 -24.62 -5.36
N LYS A 283 2.62 -25.13 -6.38
CA LYS A 283 1.20 -25.51 -6.27
C LYS A 283 1.02 -26.61 -5.20
N GLY A 284 0.15 -26.33 -4.23
CA GLY A 284 -0.15 -27.23 -3.13
C GLY A 284 0.54 -26.87 -1.83
N LYS A 285 1.55 -25.97 -1.89
CA LYS A 285 2.34 -25.48 -0.75
C LYS A 285 1.82 -24.11 -0.28
N HIS A 286 1.74 -23.88 1.06
CA HIS A 286 1.21 -22.65 1.68
C HIS A 286 2.28 -21.89 2.45
N SER A 287 3.43 -22.55 2.71
CA SER A 287 4.57 -21.98 3.40
C SER A 287 5.85 -22.72 3.02
N VAL A 288 6.99 -22.18 3.47
CA VAL A 288 8.33 -22.75 3.32
C VAL A 288 8.85 -23.11 4.74
N LYS A 289 9.47 -24.28 4.91
CA LYS A 289 10.14 -24.62 6.15
C LYS A 289 11.61 -24.84 5.83
N GLY A 290 12.45 -23.90 6.22
CA GLY A 290 13.88 -24.01 6.06
C GLY A 290 14.38 -25.03 7.09
N LEU A 291 14.78 -26.22 6.65
CA LEU A 291 15.21 -27.31 7.52
C LEU A 291 16.54 -27.03 8.18
N GLY A 292 16.54 -27.07 9.51
CA GLY A 292 17.72 -26.83 10.32
C GLY A 292 18.33 -28.10 10.88
N LYS A 293 19.60 -28.01 11.34
CA LYS A 293 20.32 -29.14 11.95
C LYS A 293 19.70 -29.51 13.31
N THR A 294 19.26 -28.48 14.07
CA THR A 294 18.63 -28.62 15.38
C THR A 294 17.15 -28.22 15.29
N THR A 295 16.26 -29.02 15.95
CA THR A 295 14.82 -28.83 16.00
C THR A 295 14.28 -29.03 17.45
N PRO A 296 13.25 -28.28 17.90
CA PRO A 296 12.71 -28.53 19.27
C PRO A 296 12.08 -29.93 19.35
N ASP A 297 12.33 -30.67 20.46
CA ASP A 297 11.86 -32.05 20.70
C ASP A 297 10.34 -32.19 20.44
N PRO A 298 9.97 -32.95 19.36
CA PRO A 298 8.54 -33.04 18.98
C PRO A 298 7.64 -33.74 19.98
N SER A 299 8.22 -34.50 20.92
CA SER A 299 7.46 -35.17 21.97
C SER A 299 6.96 -34.14 22.99
N ALA A 300 7.76 -33.07 23.20
CA ALA A 300 7.52 -31.99 24.17
C ALA A 300 6.57 -30.87 23.68
N ASN A 301 5.99 -30.99 22.47
CA ASN A 301 5.06 -30.01 21.91
C ASN A 301 3.78 -29.88 22.75
N ILE A 302 3.33 -28.64 22.97
CA ILE A 302 2.14 -28.28 23.76
C ILE A 302 1.12 -27.61 22.80
N SER A 303 -0.17 -27.50 23.21
CA SER A 303 -1.16 -26.90 22.31
C SER A 303 -2.00 -25.78 22.99
N LEU A 304 -1.37 -24.59 23.21
CA LEU A 304 -2.00 -23.39 23.76
C LEU A 304 -3.00 -22.79 22.72
N ASP A 305 -4.31 -22.85 23.05
CA ASP A 305 -5.47 -22.35 22.29
C ASP A 305 -5.59 -22.98 20.87
N GLY A 306 -5.39 -24.30 20.80
CA GLY A 306 -5.47 -25.08 19.56
C GLY A 306 -4.28 -24.93 18.62
N VAL A 307 -3.26 -24.17 19.04
CA VAL A 307 -2.06 -23.87 18.27
C VAL A 307 -0.86 -24.60 18.90
N ASP A 308 -0.06 -25.26 18.06
CA ASP A 308 1.10 -26.02 18.50
C ASP A 308 2.23 -25.09 18.91
N VAL A 309 2.67 -25.25 20.15
CA VAL A 309 3.76 -24.48 20.73
C VAL A 309 4.95 -25.44 20.77
N PRO A 310 5.93 -25.27 19.84
CA PRO A 310 7.08 -26.19 19.80
C PRO A 310 8.12 -25.80 20.85
N LEU A 311 7.74 -25.88 22.15
CA LEU A 311 8.62 -25.50 23.26
C LEU A 311 9.54 -26.64 23.70
N GLY A 312 9.70 -27.65 22.84
CA GLY A 312 10.62 -28.76 23.08
C GLY A 312 12.06 -28.32 23.18
N THR A 313 12.84 -28.97 24.05
CA THR A 313 14.25 -28.61 24.21
C THR A 313 15.04 -29.05 22.94
N GLY A 314 15.98 -28.20 22.55
CA GLY A 314 16.81 -28.39 21.37
C GLY A 314 17.46 -29.74 21.19
N ILE A 315 16.96 -30.50 20.20
CA ILE A 315 17.48 -31.82 19.82
C ILE A 315 17.87 -31.82 18.34
N SER A 316 18.76 -32.72 17.95
CA SER A 316 19.20 -32.82 16.56
C SER A 316 18.10 -33.47 15.68
N SER A 317 18.01 -33.01 14.43
CA SER A 317 17.10 -33.55 13.43
C SER A 317 17.90 -34.50 12.50
N GLY A 318 17.20 -35.12 11.54
CA GLY A 318 17.84 -36.01 10.58
C GLY A 318 18.90 -35.32 9.74
N VAL A 319 18.55 -34.12 9.25
CA VAL A 319 19.30 -33.19 8.40
C VAL A 319 20.68 -32.82 9.02
N ASN A 320 21.87 -33.01 8.36
CA ASN A 320 22.35 -33.64 7.11
C ASN A 320 22.06 -32.82 5.83
N ASP A 321 23.14 -32.13 5.36
CA ASP A 321 23.26 -31.27 4.16
C ASP A 321 22.28 -30.12 4.25
N THR A 322 22.65 -29.13 5.04
CA THR A 322 21.83 -27.93 5.19
C THR A 322 22.73 -26.76 5.59
N SER A 323 22.33 -25.56 5.15
CA SER A 323 23.03 -24.31 5.47
C SER A 323 22.37 -23.65 6.70
N LEU A 324 21.45 -24.39 7.38
CA LEU A 324 20.72 -23.88 8.54
C LEU A 324 20.93 -24.72 9.79
N LEU A 325 21.27 -24.03 10.86
CA LEU A 325 21.46 -24.59 12.19
C LEU A 325 20.12 -24.83 12.84
N TYR A 326 19.19 -23.88 12.62
CA TYR A 326 17.84 -23.88 13.16
C TYR A 326 16.85 -23.69 12.05
N ASN A 327 15.64 -24.22 12.27
CA ASN A 327 14.52 -24.13 11.35
C ASN A 327 14.08 -22.68 11.18
N GLU A 328 13.42 -22.40 10.07
CA GLU A 328 12.76 -21.12 9.81
C GLU A 328 11.49 -21.40 9.01
N TYR A 329 10.49 -20.56 9.20
CA TYR A 329 9.21 -20.75 8.53
C TYR A 329 8.89 -19.46 7.83
N ILE A 330 8.37 -19.55 6.60
CA ILE A 330 8.09 -18.38 5.78
C ILE A 330 6.72 -18.46 5.10
N VAL A 331 5.94 -17.39 5.19
CA VAL A 331 4.61 -17.29 4.55
C VAL A 331 4.65 -16.12 3.60
N TYR A 332 3.91 -16.22 2.49
CA TYR A 332 3.97 -15.22 1.43
C TYR A 332 2.64 -14.49 1.30
N ASP A 333 1.78 -14.64 2.30
CA ASP A 333 0.53 -13.93 2.42
C ASP A 333 0.51 -13.34 3.79
N ILE A 334 0.46 -12.01 3.88
CA ILE A 334 0.44 -11.27 5.14
C ILE A 334 -0.75 -11.70 6.04
N ALA A 335 -1.83 -12.25 5.44
CA ALA A 335 -3.03 -12.71 6.15
C ALA A 335 -2.83 -14.09 6.83
N GLN A 336 -1.70 -14.80 6.58
CA GLN A 336 -1.43 -16.11 7.17
C GLN A 336 -0.89 -15.99 8.61
N VAL A 337 -0.63 -14.74 9.05
CA VAL A 337 -0.09 -14.39 10.37
C VAL A 337 -1.14 -13.68 11.21
N ASN A 338 -1.23 -14.08 12.48
CA ASN A 338 -2.08 -13.48 13.51
C ASN A 338 -1.21 -13.32 14.74
N LEU A 339 -0.78 -12.08 15.01
CA LEU A 339 0.09 -11.77 16.15
C LEU A 339 -0.66 -11.99 17.44
N LYS A 340 -0.02 -12.69 18.40
CA LYS A 340 -0.64 -13.06 19.66
C LYS A 340 0.02 -12.36 20.86
N TYR A 341 1.36 -12.39 20.97
CA TYR A 341 2.06 -11.81 22.13
C TYR A 341 3.28 -11.01 21.74
N LEU A 342 3.59 -10.00 22.54
CA LEU A 342 4.75 -9.14 22.43
C LEU A 342 5.51 -9.23 23.71
N LEU A 343 6.75 -9.68 23.63
CA LEU A 343 7.62 -9.83 24.79
C LEU A 343 8.68 -8.76 24.80
N LYS A 344 8.98 -8.27 26.00
CA LYS A 344 10.06 -7.33 26.27
C LYS A 344 11.14 -8.14 26.99
N LEU A 345 12.25 -8.42 26.27
CA LEU A 345 13.35 -9.24 26.77
C LEU A 345 14.54 -8.44 27.24
N LYS A 346 15.21 -8.94 28.28
CA LYS A 346 16.48 -8.41 28.79
C LYS A 346 17.55 -9.40 28.36
N PHE A 347 18.64 -8.89 27.75
CA PHE A 347 19.77 -9.68 27.29
C PHE A 347 20.90 -9.53 28.30
N ASN A 348 21.26 -10.64 28.95
CA ASN A 348 22.33 -10.65 29.94
C ASN A 348 23.54 -11.22 29.22
N PHE A 349 24.27 -10.33 28.52
CA PHE A 349 25.44 -10.66 27.74
C PHE A 349 26.57 -11.15 28.63
N LYS A 350 27.19 -12.26 28.20
CA LYS A 350 28.27 -12.98 28.89
C LYS A 350 28.87 -14.04 27.98
N THR A 351 30.20 -14.24 28.05
CA THR A 351 30.85 -15.27 27.27
C THR A 351 30.59 -16.66 27.90
N ALA A 352 30.47 -17.69 27.03
CA ALA A 352 30.35 -19.10 27.37
C ALA A 352 31.07 -19.97 26.31
N HIS A 353 31.79 -21.05 26.74
CA HIS A 353 32.47 -21.89 25.76
C HIS A 353 31.67 -23.16 25.45
N MET B 1 4.15 32.93 6.55
CA MET B 1 4.71 33.72 5.46
C MET B 1 3.78 33.64 4.22
N LYS B 2 3.32 34.80 3.69
CA LYS B 2 2.39 34.93 2.55
C LYS B 2 2.84 34.11 1.32
N SER B 3 1.98 33.15 0.89
CA SER B 3 2.21 32.23 -0.25
C SER B 3 2.55 32.98 -1.53
N LYS B 4 3.50 32.43 -2.30
CA LYS B 4 3.88 33.03 -3.58
C LYS B 4 3.33 32.21 -4.75
N LEU B 5 2.42 31.26 -4.46
CA LEU B 5 1.76 30.41 -5.44
C LEU B 5 0.68 31.19 -6.23
N PRO B 6 0.55 30.99 -7.56
CA PRO B 6 -0.52 31.71 -8.30
C PRO B 6 -1.88 31.44 -7.70
N LYS B 7 -2.83 32.41 -7.74
CA LYS B 7 -4.16 32.20 -7.16
C LYS B 7 -4.85 30.92 -7.74
N PRO B 8 -4.83 30.62 -9.07
CA PRO B 8 -5.47 29.37 -9.53
C PRO B 8 -4.88 28.11 -8.88
N VAL B 9 -3.55 28.11 -8.51
CA VAL B 9 -2.91 26.97 -7.81
C VAL B 9 -3.41 26.93 -6.38
N GLN B 10 -3.38 28.09 -5.68
CA GLN B 10 -3.88 28.22 -4.32
C GLN B 10 -5.33 27.70 -4.21
N ASP B 11 -6.22 28.19 -5.12
CA ASP B 11 -7.64 27.82 -5.23
C ASP B 11 -7.86 26.32 -5.56
N LEU B 12 -6.86 25.67 -6.16
CA LEU B 12 -6.93 24.24 -6.44
C LEU B 12 -6.63 23.46 -5.16
N ILE B 13 -5.68 23.96 -4.33
CA ILE B 13 -5.35 23.34 -3.05
C ILE B 13 -6.59 23.40 -2.14
N LYS B 14 -7.26 24.57 -2.10
CA LYS B 14 -8.46 24.80 -1.27
C LYS B 14 -9.58 23.85 -1.66
N MET B 15 -9.74 23.62 -2.96
CA MET B 15 -10.76 22.77 -3.57
C MET B 15 -10.63 21.32 -3.15
N ILE B 16 -9.50 20.69 -3.47
CA ILE B 16 -9.19 19.29 -3.26
C ILE B 16 -8.97 18.92 -1.81
N PHE B 17 -8.75 19.90 -0.91
CA PHE B 17 -8.53 19.62 0.50
C PHE B 17 -9.75 20.03 1.37
N ASP B 18 -10.82 20.54 0.74
CA ASP B 18 -12.04 20.94 1.43
C ASP B 18 -12.66 19.76 2.19
N VAL B 19 -12.71 19.87 3.53
CA VAL B 19 -13.27 18.86 4.46
C VAL B 19 -14.81 18.84 4.33
N GLU B 20 -15.43 20.00 4.04
CA GLU B 20 -16.87 20.08 3.88
C GLU B 20 -17.33 19.31 2.66
N SER B 21 -16.56 19.38 1.55
CA SER B 21 -16.82 18.57 0.36
C SER B 21 -16.69 17.08 0.68
N MET B 22 -15.70 16.70 1.52
CA MET B 22 -15.43 15.30 1.92
C MET B 22 -16.63 14.74 2.66
N LYS B 23 -17.09 15.43 3.72
CA LYS B 23 -18.26 15.08 4.51
C LYS B 23 -19.52 15.06 3.64
N LYS B 24 -19.67 16.02 2.70
CA LYS B 24 -20.81 16.11 1.76
C LYS B 24 -20.96 14.83 0.93
N ALA B 25 -19.81 14.24 0.51
CA ALA B 25 -19.74 12.99 -0.26
C ALA B 25 -20.23 11.79 0.58
N MET B 26 -19.79 11.70 1.85
CA MET B 26 -20.17 10.64 2.77
C MET B 26 -21.67 10.68 3.01
N VAL B 27 -22.22 11.89 3.21
CA VAL B 27 -23.65 12.13 3.44
C VAL B 27 -24.43 11.71 2.18
N GLU B 28 -23.95 12.08 0.99
CA GLU B 28 -24.55 11.68 -0.28
C GLU B 28 -24.63 10.14 -0.37
N TYR B 29 -23.58 9.43 0.10
CA TYR B 29 -23.47 7.96 0.13
C TYR B 29 -24.35 7.35 1.24
N GLU B 30 -24.99 8.23 2.05
CA GLU B 30 -25.91 7.92 3.14
C GLU B 30 -25.18 7.19 4.23
N ILE B 31 -23.94 7.61 4.54
CA ILE B 31 -23.14 7.02 5.61
C ILE B 31 -23.53 7.75 6.90
N ASP B 32 -23.65 7.02 8.05
CA ASP B 32 -23.97 7.64 9.33
C ASP B 32 -22.73 8.31 9.86
N LEU B 33 -22.70 9.66 9.85
CA LEU B 33 -21.54 10.45 10.30
C LEU B 33 -21.39 10.50 11.81
N GLN B 34 -22.41 10.02 12.54
CA GLN B 34 -22.36 9.95 14.00
C GLN B 34 -21.56 8.71 14.36
N LYS B 35 -21.91 7.58 13.72
CA LYS B 35 -21.24 6.32 13.95
C LYS B 35 -19.89 6.26 13.22
N MET B 36 -19.82 6.81 11.99
CA MET B 36 -18.61 6.80 11.14
C MET B 36 -18.17 8.22 10.71
N PRO B 37 -17.65 9.09 11.61
CA PRO B 37 -17.15 10.40 11.15
C PRO B 37 -15.88 10.29 10.28
N LEU B 38 -15.54 11.36 9.54
CA LEU B 38 -14.37 11.44 8.65
C LEU B 38 -13.09 10.88 9.25
N GLY B 39 -12.81 11.26 10.50
CA GLY B 39 -11.59 10.86 11.20
C GLY B 39 -11.53 9.40 11.60
N LYS B 40 -12.69 8.71 11.61
CA LYS B 40 -12.78 7.31 12.02
C LYS B 40 -12.45 6.36 10.86
N LEU B 41 -12.53 6.86 9.59
CA LEU B 41 -12.23 6.10 8.37
C LEU B 41 -10.82 5.55 8.35
N SER B 42 -10.67 4.26 8.05
CA SER B 42 -9.36 3.64 7.96
C SER B 42 -9.21 2.84 6.68
N LYS B 43 -7.96 2.62 6.25
CA LYS B 43 -7.65 1.81 5.08
C LYS B 43 -8.10 0.37 5.39
N ARG B 44 -7.88 -0.11 6.63
CA ARG B 44 -8.25 -1.43 7.10
C ARG B 44 -9.78 -1.64 7.18
N GLN B 45 -10.52 -0.55 7.34
CA GLN B 45 -11.98 -0.56 7.37
C GLN B 45 -12.52 -0.77 5.97
N ILE B 46 -12.02 0.00 5.01
CA ILE B 46 -12.43 -0.08 3.60
C ILE B 46 -11.99 -1.44 2.98
N GLN B 47 -10.75 -1.93 3.29
CA GLN B 47 -10.24 -3.22 2.82
C GLN B 47 -11.13 -4.36 3.32
N ALA B 48 -11.56 -4.29 4.59
CA ALA B 48 -12.43 -5.29 5.21
C ALA B 48 -13.79 -5.29 4.54
N ALA B 49 -14.30 -4.10 4.16
CA ALA B 49 -15.58 -3.93 3.49
C ALA B 49 -15.52 -4.50 2.07
N TYR B 50 -14.37 -4.30 1.37
CA TYR B 50 -14.11 -4.85 0.04
C TYR B 50 -14.18 -6.36 0.09
N SER B 51 -13.55 -6.96 1.14
CA SER B 51 -13.51 -8.41 1.37
C SER B 51 -14.91 -8.99 1.55
N ILE B 52 -15.81 -8.24 2.24
CA ILE B 52 -17.20 -8.66 2.45
C ILE B 52 -17.98 -8.60 1.11
N LEU B 53 -17.64 -7.64 0.23
CA LEU B 53 -18.29 -7.52 -1.08
C LEU B 53 -17.92 -8.68 -1.98
N SER B 54 -16.68 -9.17 -1.84
CA SER B 54 -16.18 -10.32 -2.61
C SER B 54 -16.82 -11.59 -2.07
N GLU B 55 -17.09 -11.61 -0.74
CA GLU B 55 -17.76 -12.72 -0.05
C GLU B 55 -19.20 -12.78 -0.51
N VAL B 56 -19.83 -11.60 -0.70
CA VAL B 56 -21.21 -11.47 -1.19
C VAL B 56 -21.25 -11.97 -2.63
N GLN B 57 -20.37 -11.46 -3.50
CA GLN B 57 -20.29 -11.88 -4.90
C GLN B 57 -20.15 -13.41 -4.99
N GLN B 58 -19.28 -14.02 -4.15
CA GLN B 58 -19.03 -15.46 -4.12
C GLN B 58 -20.30 -16.17 -3.64
N ALA B 59 -20.88 -15.72 -2.50
CA ALA B 59 -22.10 -16.31 -1.92
C ALA B 59 -23.24 -16.42 -2.95
N VAL B 60 -23.53 -15.32 -3.66
CA VAL B 60 -24.58 -15.21 -4.68
C VAL B 60 -24.32 -16.23 -5.80
N SER B 61 -23.07 -16.25 -6.34
CA SER B 61 -22.66 -17.12 -7.45
C SER B 61 -22.46 -18.59 -7.04
N GLN B 62 -22.24 -18.88 -5.75
CA GLN B 62 -22.03 -20.24 -5.23
C GLN B 62 -23.31 -20.82 -4.58
N GLY B 63 -24.45 -20.16 -4.80
CA GLY B 63 -25.75 -20.56 -4.28
C GLY B 63 -25.86 -20.69 -2.76
N SER B 64 -25.56 -19.59 -2.03
CA SER B 64 -25.67 -19.55 -0.58
C SER B 64 -27.13 -19.26 -0.21
N SER B 65 -27.51 -19.51 1.05
CA SER B 65 -28.88 -19.29 1.52
C SER B 65 -29.16 -17.81 1.75
N ASP B 66 -30.41 -17.37 1.60
CA ASP B 66 -30.84 -15.98 1.80
C ASP B 66 -30.37 -15.45 3.16
N SER B 67 -30.40 -16.29 4.21
CA SER B 67 -29.94 -15.95 5.57
C SER B 67 -28.46 -15.67 5.58
N GLN B 68 -27.67 -16.45 4.80
CA GLN B 68 -26.22 -16.28 4.68
C GLN B 68 -25.94 -14.93 3.98
N ILE B 69 -26.66 -14.64 2.87
CA ILE B 69 -26.55 -13.40 2.08
C ILE B 69 -26.94 -12.20 2.96
N LEU B 70 -28.05 -12.30 3.72
CA LEU B 70 -28.48 -11.20 4.57
C LEU B 70 -27.43 -10.95 5.69
N ASP B 71 -26.89 -12.03 6.30
CA ASP B 71 -25.89 -11.92 7.36
C ASP B 71 -24.64 -11.21 6.87
N LEU B 72 -24.23 -11.50 5.64
CA LEU B 72 -23.10 -10.89 4.93
C LEU B 72 -23.37 -9.41 4.68
N SER B 73 -24.59 -9.09 4.19
CA SER B 73 -25.09 -7.73 3.92
C SER B 73 -25.08 -6.91 5.22
N ASN B 74 -25.51 -7.55 6.34
CA ASN B 74 -25.51 -6.93 7.67
C ASN B 74 -24.10 -6.68 8.16
N ARG B 75 -23.14 -7.58 7.85
CA ARG B 75 -21.74 -7.39 8.24
C ARG B 75 -21.19 -6.13 7.56
N PHE B 76 -21.48 -5.95 6.25
CA PHE B 76 -21.05 -4.77 5.49
C PHE B 76 -21.51 -3.49 6.18
N TYR B 77 -22.84 -3.40 6.44
CA TYR B 77 -23.49 -2.23 7.07
C TYR B 77 -23.07 -2.03 8.54
N THR B 78 -22.49 -3.05 9.18
CA THR B 78 -21.96 -2.93 10.55
C THR B 78 -20.62 -2.18 10.46
N LEU B 79 -19.79 -2.57 9.47
CA LEU B 79 -18.46 -2.04 9.18
C LEU B 79 -18.47 -0.59 8.67
N ILE B 80 -19.33 -0.28 7.67
CA ILE B 80 -19.55 1.06 7.10
C ILE B 80 -21.00 1.44 7.48
N PRO B 81 -21.26 1.95 8.72
CA PRO B 81 -22.63 2.26 9.11
C PRO B 81 -23.27 3.32 8.25
N HIS B 82 -24.46 3.00 7.76
CA HIS B 82 -25.23 3.90 6.94
C HIS B 82 -26.45 4.42 7.72
N ASP B 83 -27.02 5.54 7.25
CA ASP B 83 -28.20 6.16 7.84
C ASP B 83 -29.23 6.35 6.74
N PHE B 84 -30.27 5.50 6.77
CA PHE B 84 -31.31 5.55 5.76
C PHE B 84 -32.60 6.21 6.25
N GLY B 85 -32.61 6.60 7.52
CA GLY B 85 -33.77 7.20 8.17
C GLY B 85 -34.84 6.13 8.31
N MET B 86 -36.03 6.39 7.74
CA MET B 86 -37.20 5.49 7.72
C MET B 86 -36.96 4.26 6.83
N LYS B 87 -36.14 4.42 5.76
CA LYS B 87 -35.77 3.37 4.79
C LYS B 87 -34.89 2.29 5.41
N LYS B 88 -34.94 1.08 4.85
CA LYS B 88 -34.14 -0.04 5.31
C LYS B 88 -32.87 -0.12 4.45
N PRO B 89 -31.75 -0.69 4.97
CA PRO B 89 -30.53 -0.76 4.15
C PRO B 89 -30.72 -1.71 2.96
N PRO B 90 -30.36 -1.25 1.72
CA PRO B 90 -30.51 -2.10 0.53
C PRO B 90 -29.76 -3.41 0.67
N LEU B 91 -30.44 -4.51 0.36
CA LEU B 91 -29.86 -5.85 0.43
C LEU B 91 -28.82 -6.02 -0.67
N LEU B 92 -27.63 -6.47 -0.28
CA LEU B 92 -26.52 -6.71 -1.19
C LEU B 92 -26.60 -8.17 -1.62
N ASN B 93 -27.59 -8.46 -2.49
CA ASN B 93 -27.93 -9.81 -2.96
C ASN B 93 -27.74 -9.98 -4.47
N ASN B 94 -27.30 -8.92 -5.16
CA ASN B 94 -27.08 -8.96 -6.60
C ASN B 94 -25.79 -8.22 -6.92
N ALA B 95 -25.23 -8.48 -8.12
CA ALA B 95 -24.00 -7.88 -8.64
C ALA B 95 -24.08 -6.35 -8.72
N ASP B 96 -25.25 -5.76 -9.10
CA ASP B 96 -25.43 -4.30 -9.23
C ASP B 96 -25.20 -3.59 -7.90
N SER B 97 -25.82 -4.13 -6.82
CA SER B 97 -25.71 -3.67 -5.43
C SER B 97 -24.22 -3.66 -4.96
N VAL B 98 -23.41 -4.67 -5.37
CA VAL B 98 -22.02 -4.74 -4.97
C VAL B 98 -21.18 -3.77 -5.81
N GLN B 99 -21.52 -3.56 -7.12
CA GLN B 99 -20.78 -2.63 -8.00
C GLN B 99 -20.97 -1.21 -7.47
N ALA B 100 -22.16 -0.93 -6.88
CA ALA B 100 -22.50 0.36 -6.27
C ALA B 100 -21.68 0.61 -5.02
N LYS B 101 -21.53 -0.43 -4.19
CA LYS B 101 -20.78 -0.33 -2.93
C LYS B 101 -19.26 -0.33 -3.19
N ALA B 102 -18.79 -1.03 -4.26
CA ALA B 102 -17.37 -1.07 -4.68
C ALA B 102 -16.95 0.32 -5.14
N GLU B 103 -17.83 0.97 -5.95
CA GLU B 103 -17.65 2.34 -6.48
C GLU B 103 -17.51 3.30 -5.29
N MET B 104 -18.40 3.18 -4.28
CA MET B 104 -18.39 3.99 -3.07
C MET B 104 -17.10 3.82 -2.28
N LEU B 105 -16.67 2.56 -2.08
CA LEU B 105 -15.46 2.26 -1.31
C LEU B 105 -14.22 2.79 -2.02
N ASP B 106 -14.28 2.82 -3.38
CA ASP B 106 -13.22 3.37 -4.26
C ASP B 106 -13.04 4.83 -3.94
N ASN B 107 -14.16 5.57 -3.87
CA ASN B 107 -14.20 6.99 -3.57
C ASN B 107 -13.86 7.26 -2.12
N LEU B 108 -14.36 6.44 -1.16
CA LEU B 108 -14.03 6.60 0.28
C LEU B 108 -12.53 6.49 0.52
N LEU B 109 -11.86 5.55 -0.17
CA LEU B 109 -10.42 5.34 -0.04
C LEU B 109 -9.63 6.61 -0.25
N ASP B 110 -9.91 7.36 -1.34
CA ASP B 110 -9.23 8.62 -1.66
C ASP B 110 -9.57 9.75 -0.68
N ILE B 111 -10.77 9.68 -0.05
CA ILE B 111 -11.23 10.64 0.96
C ILE B 111 -10.39 10.39 2.24
N GLU B 112 -10.12 9.12 2.57
CA GLU B 112 -9.28 8.75 3.72
C GLU B 112 -7.88 9.33 3.48
N VAL B 113 -7.37 9.15 2.26
CA VAL B 113 -6.03 9.55 1.87
C VAL B 113 -5.88 11.07 1.94
N ALA B 114 -6.91 11.83 1.48
CA ALA B 114 -6.92 13.30 1.50
C ALA B 114 -6.87 13.83 2.90
N TYR B 115 -7.78 13.32 3.75
CA TYR B 115 -7.94 13.74 5.13
C TYR B 115 -6.73 13.31 5.99
N SER B 116 -6.23 12.06 5.85
CA SER B 116 -5.05 11.60 6.60
C SER B 116 -3.84 12.50 6.25
N LEU B 117 -3.67 12.85 4.96
CA LEU B 117 -2.62 13.74 4.48
C LEU B 117 -2.73 15.11 5.14
N LEU B 118 -3.92 15.70 5.07
CA LEU B 118 -4.28 17.00 5.63
C LEU B 118 -4.06 17.08 7.15
N ARG B 119 -4.45 16.03 7.90
CA ARG B 119 -4.35 15.99 9.37
C ARG B 119 -2.92 15.64 9.86
N GLY B 120 -2.19 14.88 9.06
CA GLY B 120 -0.82 14.51 9.37
C GLY B 120 0.22 15.57 9.09
N GLY B 121 1.47 15.19 9.32
CA GLY B 121 2.64 16.01 9.09
C GLY B 121 2.87 17.10 10.11
N SER B 122 3.93 17.93 9.85
CA SER B 122 4.34 19.07 10.68
C SER B 122 3.26 20.17 10.65
N SER B 125 6.24 24.67 10.15
CA SER B 125 5.93 25.97 10.78
C SER B 125 6.56 27.18 10.03
N SER B 126 6.10 28.41 10.38
CA SER B 126 6.50 29.76 9.91
C SER B 126 6.09 30.09 8.43
N LYS B 127 5.32 29.20 7.79
CA LYS B 127 4.92 29.38 6.39
C LYS B 127 3.41 29.18 6.23
N ASP B 128 2.83 29.78 5.16
CA ASP B 128 1.41 29.77 4.83
C ASP B 128 0.84 28.35 4.79
N PRO B 129 -0.30 28.10 5.49
CA PRO B 129 -0.92 26.75 5.42
C PRO B 129 -1.26 26.28 4.01
N ILE B 130 -1.32 27.18 3.00
CA ILE B 130 -1.58 26.77 1.61
C ILE B 130 -0.27 26.19 1.03
N ASP B 131 0.88 26.78 1.40
CA ASP B 131 2.21 26.32 0.99
C ASP B 131 2.52 24.96 1.60
N VAL B 132 2.10 24.77 2.87
CA VAL B 132 2.22 23.53 3.64
C VAL B 132 1.44 22.41 2.96
N ASN B 133 0.21 22.72 2.52
CA ASN B 133 -0.68 21.76 1.89
C ASN B 133 -0.32 21.49 0.43
N TYR B 134 0.30 22.46 -0.26
CA TYR B 134 0.83 22.26 -1.61
C TYR B 134 2.00 21.27 -1.56
N GLU B 135 2.88 21.43 -0.55
CA GLU B 135 4.04 20.57 -0.34
C GLU B 135 3.66 19.14 -0.03
N LYS B 136 2.56 18.92 0.72
CA LYS B 136 2.03 17.60 1.09
C LYS B 136 1.63 16.78 -0.15
N LEU B 137 1.18 17.47 -1.22
CA LEU B 137 0.79 16.80 -2.46
C LEU B 137 1.99 16.18 -3.21
N LYS B 138 3.24 16.58 -2.88
CA LYS B 138 4.48 16.10 -3.49
C LYS B 138 4.33 16.10 -5.03
N THR B 139 3.81 17.24 -5.58
CA THR B 139 3.51 17.50 -6.99
C THR B 139 3.87 18.94 -7.37
N ASP B 140 4.62 19.14 -8.46
CA ASP B 140 4.91 20.46 -8.98
C ASP B 140 3.71 20.87 -9.84
N ILE B 141 2.95 21.88 -9.39
CA ILE B 141 1.75 22.35 -10.08
C ILE B 141 2.07 23.71 -10.70
N LYS B 142 2.14 23.76 -12.04
CA LYS B 142 2.42 24.98 -12.79
C LYS B 142 1.16 25.40 -13.54
N VAL B 143 0.93 26.69 -13.72
CA VAL B 143 -0.24 27.14 -14.49
C VAL B 143 0.17 27.25 -15.95
N VAL B 144 -0.62 26.62 -16.84
CA VAL B 144 -0.40 26.73 -18.28
C VAL B 144 -1.10 28.03 -18.73
N ASP B 145 -0.36 28.96 -19.41
CA ASP B 145 -0.92 30.23 -19.91
C ASP B 145 -2.04 30.00 -20.89
N ARG B 146 -3.17 30.70 -20.70
CA ARG B 146 -4.38 30.59 -21.52
C ARG B 146 -4.06 30.66 -23.00
N ASP B 147 -3.10 31.51 -23.38
CA ASP B 147 -2.73 31.76 -24.76
C ASP B 147 -1.58 30.89 -25.28
N SER B 148 -1.08 29.92 -24.48
CA SER B 148 0.02 29.02 -24.90
C SER B 148 -0.41 28.06 -26.02
N GLU B 149 0.58 27.46 -26.71
CA GLU B 149 0.33 26.46 -27.77
C GLU B 149 -0.33 25.25 -27.16
N GLU B 150 0.20 24.77 -26.03
CA GLU B 150 -0.33 23.60 -25.32
C GLU B 150 -1.75 23.85 -24.84
N ALA B 151 -2.08 25.05 -24.34
CA ALA B 151 -3.45 25.37 -23.91
C ALA B 151 -4.44 25.30 -25.09
N GLU B 152 -4.01 25.77 -26.28
CA GLU B 152 -4.81 25.74 -27.52
C GLU B 152 -5.08 24.28 -27.92
N ILE B 153 -4.06 23.39 -27.79
CA ILE B 153 -4.16 21.94 -28.07
C ILE B 153 -5.15 21.29 -27.12
N ILE B 154 -5.08 21.61 -25.82
CA ILE B 154 -5.95 21.03 -24.79
C ILE B 154 -7.37 21.54 -24.97
N ARG B 155 -7.56 22.82 -25.34
CA ARG B 155 -8.93 23.34 -25.59
C ARG B 155 -9.53 22.69 -26.84
N LYS B 156 -8.71 22.42 -27.89
CA LYS B 156 -9.13 21.75 -29.14
C LYS B 156 -9.51 20.30 -28.84
N TYR B 157 -8.74 19.62 -27.95
CA TYR B 157 -8.98 18.25 -27.50
C TYR B 157 -10.35 18.17 -26.79
N VAL B 158 -10.64 19.09 -25.85
CA VAL B 158 -11.91 19.16 -25.13
C VAL B 158 -13.09 19.46 -26.10
N LYS B 159 -12.97 20.51 -26.95
CA LYS B 159 -13.98 20.97 -27.89
C LYS B 159 -14.41 19.91 -28.90
N ASN B 160 -13.42 19.27 -29.57
CA ASN B 160 -13.61 18.27 -30.61
C ASN B 160 -14.06 16.92 -30.10
N THR B 161 -13.58 16.51 -28.90
CA THR B 161 -13.92 15.18 -28.36
C THR B 161 -15.15 15.26 -27.40
N HIS B 162 -16.02 16.26 -27.60
CA HIS B 162 -17.26 16.40 -26.84
C HIS B 162 -18.45 16.03 -27.76
N ALA B 163 -19.02 14.81 -27.56
CA ALA B 163 -20.10 14.21 -28.36
C ALA B 163 -21.51 14.67 -27.94
N THR B 164 -22.52 14.44 -28.84
CA THR B 164 -23.95 14.82 -28.73
C THR B 164 -24.72 13.99 -27.65
N THR B 165 -24.36 12.68 -27.46
CA THR B 165 -24.98 11.76 -26.49
C THR B 165 -24.81 12.31 -25.05
N HIS B 166 -23.62 12.87 -24.77
CA HIS B 166 -23.23 13.47 -23.49
C HIS B 166 -23.52 14.98 -23.46
N ASN B 167 -23.97 15.57 -24.60
CA ASN B 167 -24.25 17.01 -24.74
C ASN B 167 -25.57 17.39 -24.03
N ALA B 168 -25.54 17.28 -22.69
CA ALA B 168 -26.55 17.71 -21.74
C ALA B 168 -25.88 18.81 -20.90
N TYR B 169 -24.64 19.11 -21.29
CA TYR B 169 -23.78 20.14 -20.75
C TYR B 169 -22.73 20.52 -21.81
N ASP B 170 -22.15 21.72 -21.66
CA ASP B 170 -21.04 22.24 -22.44
C ASP B 170 -19.88 22.38 -21.49
N LEU B 171 -18.68 22.01 -21.92
CA LEU B 171 -17.50 22.14 -21.09
C LEU B 171 -16.76 23.46 -21.39
N GLU B 172 -16.35 24.13 -20.33
CA GLU B 172 -15.61 25.38 -20.35
C GLU B 172 -14.35 25.18 -19.49
N VAL B 173 -13.16 25.20 -20.12
CA VAL B 173 -11.87 25.06 -19.44
C VAL B 173 -11.52 26.37 -18.71
N ILE B 174 -11.50 26.33 -17.37
CA ILE B 174 -11.19 27.52 -16.57
C ILE B 174 -9.68 27.64 -16.39
N ASP B 175 -9.03 26.61 -15.84
CA ASP B 175 -7.60 26.58 -15.60
C ASP B 175 -7.00 25.28 -16.13
N ILE B 176 -5.75 25.38 -16.61
CA ILE B 176 -4.95 24.25 -17.08
C ILE B 176 -3.70 24.26 -16.24
N PHE B 177 -3.42 23.13 -15.59
CA PHE B 177 -2.21 22.97 -14.77
C PHE B 177 -1.32 21.92 -15.35
N LYS B 178 -0.01 22.22 -15.43
CA LYS B 178 1.03 21.27 -15.82
C LYS B 178 1.49 20.63 -14.50
N ILE B 179 1.25 19.33 -14.32
CA ILE B 179 1.59 18.66 -13.07
C ILE B 179 2.68 17.60 -13.24
N GLU B 180 3.49 17.40 -12.20
CA GLU B 180 4.48 16.31 -12.13
C GLU B 180 4.65 15.86 -10.68
N ARG B 181 4.19 14.63 -10.42
CA ARG B 181 4.28 13.99 -9.12
C ARG B 181 5.69 13.48 -8.89
N GLU B 182 6.22 13.74 -7.67
CA GLU B 182 7.54 13.34 -7.17
C GLU B 182 7.71 11.83 -7.33
N GLY B 183 8.72 11.44 -8.10
CA GLY B 183 9.08 10.05 -8.37
C GLY B 183 8.36 9.35 -9.51
N GLU B 184 7.30 9.97 -10.10
CA GLU B 184 6.50 9.36 -11.16
C GLU B 184 7.24 9.25 -12.49
N CYS B 185 8.12 10.21 -12.83
CA CYS B 185 8.89 10.16 -14.07
C CYS B 185 9.84 8.97 -14.07
N GLN B 186 10.58 8.76 -12.95
CA GLN B 186 11.52 7.65 -12.85
C GLN B 186 10.79 6.32 -12.92
N ARG B 187 9.60 6.26 -12.32
CA ARG B 187 8.73 5.08 -12.23
C ARG B 187 8.22 4.67 -13.61
N TYR B 188 7.91 5.66 -14.46
CA TYR B 188 7.38 5.51 -15.80
C TYR B 188 8.49 5.25 -16.82
N LYS B 189 9.74 5.70 -16.57
CA LYS B 189 10.88 5.56 -17.50
C LYS B 189 10.97 4.14 -18.13
N PRO B 190 10.91 3.00 -17.39
CA PRO B 190 10.96 1.68 -18.06
C PRO B 190 9.86 1.48 -19.12
N PHE B 191 8.70 2.13 -18.93
CA PHE B 191 7.55 2.04 -19.83
C PHE B 191 7.55 3.17 -20.86
N LYS B 192 8.40 4.22 -20.69
CA LYS B 192 8.53 5.31 -21.68
C LYS B 192 9.09 4.72 -22.98
N GLN B 193 9.73 3.53 -22.85
CA GLN B 193 10.34 2.72 -23.89
C GLN B 193 9.28 2.17 -24.84
N LEU B 194 8.19 1.56 -24.26
CA LEU B 194 7.07 0.95 -24.98
C LEU B 194 6.52 1.86 -26.08
N HIS B 195 6.03 1.23 -27.13
CA HIS B 195 5.36 1.91 -28.24
C HIS B 195 3.93 2.28 -27.78
N ASN B 196 3.15 2.92 -28.66
CA ASN B 196 1.74 3.27 -28.46
C ASN B 196 1.50 4.01 -27.11
N ARG B 197 2.10 5.18 -26.96
CA ARG B 197 1.92 6.07 -25.83
C ARG B 197 0.88 7.11 -26.24
N ARG B 198 -0.20 7.27 -25.46
CA ARG B 198 -1.26 8.23 -25.84
C ARG B 198 -1.64 9.13 -24.68
N LEU B 199 -2.05 10.37 -24.98
CA LEU B 199 -2.49 11.36 -24.01
C LEU B 199 -3.98 11.22 -23.88
N LEU B 200 -4.40 10.50 -22.83
CA LEU B 200 -5.80 10.16 -22.59
C LEU B 200 -6.39 10.87 -21.37
N TRP B 201 -7.73 10.82 -21.27
CA TRP B 201 -8.51 11.44 -20.19
C TRP B 201 -8.81 10.50 -19.03
N HIS B 202 -8.80 11.05 -17.80
CA HIS B 202 -9.23 10.36 -16.60
C HIS B 202 -10.00 11.36 -15.73
N GLY B 203 -11.30 11.10 -15.62
CA GLY B 203 -12.22 11.88 -14.81
C GLY B 203 -12.43 11.22 -13.49
N SER B 204 -12.61 12.02 -12.45
CA SER B 204 -12.85 11.55 -11.09
C SER B 204 -13.48 12.68 -10.29
N ARG B 205 -14.04 12.37 -9.14
CA ARG B 205 -14.59 13.32 -8.19
C ARG B 205 -13.51 14.26 -7.65
N THR B 206 -13.87 15.50 -7.30
CA THR B 206 -12.91 16.48 -6.76
C THR B 206 -12.32 15.99 -5.41
N THR B 207 -13.14 15.23 -4.64
CA THR B 207 -12.81 14.65 -3.32
C THR B 207 -11.78 13.49 -3.45
N ASN B 208 -11.40 13.14 -4.70
CA ASN B 208 -10.43 12.10 -5.05
C ASN B 208 -9.09 12.66 -5.52
N PHE B 209 -9.01 13.98 -5.82
CA PHE B 209 -7.79 14.53 -6.40
C PHE B 209 -6.66 14.77 -5.43
N ALA B 210 -6.92 15.01 -4.14
CA ALA B 210 -5.81 15.17 -3.16
C ALA B 210 -5.00 13.87 -3.13
N GLY B 211 -5.69 12.72 -3.02
CA GLY B 211 -5.10 11.39 -3.04
C GLY B 211 -4.50 10.98 -4.36
N ILE B 212 -5.10 11.45 -5.49
CA ILE B 212 -4.62 11.18 -6.84
C ILE B 212 -3.29 11.89 -7.01
N LEU B 213 -3.19 13.18 -6.62
CA LEU B 213 -1.95 13.93 -6.76
C LEU B 213 -0.86 13.40 -5.80
N SER B 214 -1.25 13.01 -4.58
CA SER B 214 -0.36 12.49 -3.57
C SER B 214 0.17 11.09 -3.92
N GLN B 215 -0.73 10.11 -4.21
CA GLN B 215 -0.29 8.75 -4.43
C GLN B 215 -0.43 8.24 -5.89
N GLY B 216 -0.90 9.11 -6.78
CA GLY B 216 -1.08 8.81 -8.20
C GLY B 216 -2.33 7.99 -8.46
N LEU B 217 -2.58 7.62 -9.73
CA LEU B 217 -3.74 6.79 -10.05
C LEU B 217 -3.44 5.34 -9.66
N ARG B 218 -4.28 4.77 -8.77
CA ARG B 218 -4.11 3.41 -8.26
C ARG B 218 -5.14 2.45 -8.84
N ILE B 219 -4.93 1.15 -8.60
CA ILE B 219 -5.77 0.02 -8.99
C ILE B 219 -6.50 -0.46 -7.74
N ALA B 220 -7.77 -0.97 -7.88
CA ALA B 220 -8.55 -1.46 -6.71
C ALA B 220 -7.75 -2.59 -6.03
N PRO B 221 -7.80 -2.69 -4.68
CA PRO B 221 -6.92 -3.66 -4.01
C PRO B 221 -7.32 -5.14 -4.23
N PRO B 222 -6.49 -6.14 -3.80
CA PRO B 222 -6.87 -7.55 -4.03
C PRO B 222 -8.19 -7.97 -3.37
N GLU B 223 -8.54 -7.32 -2.24
CA GLU B 223 -9.77 -7.56 -1.46
C GLU B 223 -11.02 -7.14 -2.27
N ALA B 224 -10.90 -6.15 -3.16
CA ALA B 224 -11.98 -5.64 -3.99
C ALA B 224 -12.48 -6.71 -4.95
N PRO B 225 -13.82 -6.82 -5.19
CA PRO B 225 -14.29 -7.83 -6.16
C PRO B 225 -13.90 -7.48 -7.61
N VAL B 226 -13.27 -8.42 -8.35
CA VAL B 226 -12.83 -8.20 -9.76
C VAL B 226 -14.07 -8.05 -10.66
N THR B 227 -15.21 -8.56 -10.18
CA THR B 227 -16.52 -8.54 -10.85
C THR B 227 -17.22 -7.20 -10.70
N GLY B 228 -16.70 -6.35 -9.81
CA GLY B 228 -17.25 -5.02 -9.56
C GLY B 228 -16.75 -3.94 -10.51
N TYR B 229 -15.92 -4.35 -11.54
CA TYR B 229 -15.22 -3.52 -12.54
C TYR B 229 -15.34 -4.17 -13.91
N MET B 230 -15.80 -3.42 -14.94
CA MET B 230 -16.05 -3.93 -16.31
C MET B 230 -14.89 -4.71 -16.93
N PHE B 231 -13.68 -4.12 -17.00
CA PHE B 231 -12.52 -4.82 -17.56
C PHE B 231 -11.48 -5.21 -16.46
N GLY B 232 -11.96 -5.48 -15.25
CA GLY B 232 -11.12 -5.89 -14.14
C GLY B 232 -10.50 -4.75 -13.38
N LYS B 233 -9.65 -5.07 -12.40
CA LYS B 233 -9.04 -4.04 -11.57
C LYS B 233 -7.76 -3.44 -12.25
N GLY B 234 -7.97 -2.35 -13.01
CA GLY B 234 -6.92 -1.57 -13.68
C GLY B 234 -7.18 -0.06 -13.63
N ILE B 235 -6.35 0.73 -14.37
CA ILE B 235 -6.56 2.19 -14.45
C ILE B 235 -7.24 2.42 -15.78
N TYR B 236 -8.42 3.09 -15.75
CA TYR B 236 -9.31 3.36 -16.88
C TYR B 236 -9.15 4.78 -17.43
N PHE B 237 -9.08 4.87 -18.76
CA PHE B 237 -8.94 6.15 -19.47
C PHE B 237 -9.89 6.24 -20.66
N ALA B 238 -10.05 7.44 -21.22
CA ALA B 238 -10.90 7.66 -22.39
C ALA B 238 -10.21 8.58 -23.38
N ASP B 239 -10.48 8.43 -24.69
CA ASP B 239 -9.92 9.29 -25.73
C ASP B 239 -10.87 10.45 -26.02
N MET B 240 -12.08 10.41 -25.41
CA MET B 240 -13.10 11.45 -25.60
C MET B 240 -13.46 12.06 -24.26
N VAL B 241 -13.21 13.37 -24.13
CA VAL B 241 -13.39 14.13 -22.90
C VAL B 241 -14.76 13.89 -22.27
N SER B 242 -15.83 13.89 -23.06
CA SER B 242 -17.20 13.72 -22.55
C SER B 242 -17.37 12.40 -21.77
N LYS B 243 -16.75 11.28 -22.22
CA LYS B 243 -16.81 9.98 -21.53
C LYS B 243 -16.23 10.09 -20.09
N SER B 244 -15.07 10.78 -19.95
CA SER B 244 -14.39 10.96 -18.68
C SER B 244 -15.03 12.07 -17.82
N ALA B 245 -15.63 13.09 -18.45
CA ALA B 245 -16.31 14.21 -17.78
C ALA B 245 -17.53 13.76 -17.01
N ASN B 246 -18.07 12.56 -17.36
CA ASN B 246 -19.24 11.98 -16.70
C ASN B 246 -18.88 11.38 -15.37
N TYR B 247 -17.57 11.27 -15.07
CA TYR B 247 -17.06 10.74 -13.81
C TYR B 247 -16.72 11.87 -12.82
N CYS B 248 -16.86 13.17 -13.24
CA CYS B 248 -16.49 14.35 -12.47
C CYS B 248 -17.43 14.65 -11.32
N HIS B 249 -18.63 14.03 -11.32
CA HIS B 249 -19.68 14.17 -10.30
C HIS B 249 -19.97 15.64 -9.98
N THR B 250 -20.39 16.40 -11.01
CA THR B 250 -20.76 17.80 -10.87
C THR B 250 -22.29 17.89 -10.93
N SER B 251 -22.84 19.06 -10.56
CA SER B 251 -24.28 19.31 -10.53
C SER B 251 -24.56 20.77 -10.73
N GLN B 252 -25.85 21.16 -10.69
CA GLN B 252 -26.33 22.54 -10.76
C GLN B 252 -25.68 23.34 -9.62
N GLY B 253 -25.66 22.76 -8.40
CA GLY B 253 -25.09 23.34 -7.19
C GLY B 253 -23.59 23.54 -7.23
N ASP B 254 -22.86 22.55 -7.77
CA ASP B 254 -21.40 22.61 -7.93
C ASP B 254 -21.06 22.21 -9.38
N PRO B 255 -21.00 23.18 -10.32
CA PRO B 255 -20.75 22.83 -11.74
C PRO B 255 -19.26 22.76 -12.13
N ILE B 256 -18.36 22.77 -11.16
CA ILE B 256 -16.93 22.76 -11.45
C ILE B 256 -16.37 21.40 -11.11
N GLY B 257 -15.68 20.82 -12.10
CA GLY B 257 -15.04 19.53 -11.96
C GLY B 257 -13.56 19.59 -12.24
N LEU B 258 -12.89 18.47 -11.96
CA LEU B 258 -11.46 18.29 -12.24
C LEU B 258 -11.28 17.05 -13.12
N ILE B 259 -10.44 17.16 -14.17
CA ILE B 259 -10.16 16.08 -15.10
C ILE B 259 -8.64 16.02 -15.36
N LEU B 260 -8.12 14.82 -15.66
CA LEU B 260 -6.71 14.59 -15.91
C LEU B 260 -6.39 14.24 -17.36
N LEU B 261 -5.16 14.61 -17.77
CA LEU B 261 -4.56 14.20 -19.01
C LEU B 261 -3.33 13.46 -18.60
N GLY B 262 -3.31 12.18 -18.91
CA GLY B 262 -2.19 11.31 -18.60
C GLY B 262 -1.58 10.68 -19.82
N GLU B 263 -0.25 10.59 -19.84
CA GLU B 263 0.52 9.90 -20.87
C GLU B 263 0.52 8.43 -20.44
N VAL B 264 -0.15 7.60 -21.23
CA VAL B 264 -0.33 6.20 -20.92
C VAL B 264 0.44 5.34 -21.93
N ALA B 265 1.43 4.56 -21.46
CA ALA B 265 2.21 3.65 -22.30
C ALA B 265 1.38 2.33 -22.51
N LEU B 266 0.60 2.30 -23.62
CA LEU B 266 -0.32 1.22 -23.93
C LEU B 266 0.30 -0.05 -24.58
N GLY B 267 1.36 0.11 -25.38
CA GLY B 267 2.00 -1.01 -26.07
C GLY B 267 1.01 -1.81 -26.90
N ASN B 268 1.10 -3.16 -26.85
CA ASN B 268 0.17 -4.03 -27.59
C ASN B 268 -1.16 -4.09 -26.86
N MET B 269 -2.23 -3.67 -27.53
CA MET B 269 -3.56 -3.59 -26.93
C MET B 269 -4.38 -4.84 -27.15
N TYR B 270 -5.03 -5.30 -26.08
CA TYR B 270 -5.93 -6.43 -26.08
C TYR B 270 -7.33 -5.85 -26.35
N GLU B 271 -7.63 -5.68 -27.65
CA GLU B 271 -8.86 -5.08 -28.16
C GLU B 271 -10.06 -5.99 -27.89
N LEU B 272 -11.04 -5.48 -27.12
CA LEU B 272 -12.26 -6.20 -26.72
C LEU B 272 -13.53 -5.36 -26.98
N LYS B 273 -14.63 -6.03 -27.30
CA LYS B 273 -15.92 -5.38 -27.60
C LYS B 273 -16.90 -5.55 -26.44
N HIS B 274 -16.67 -6.55 -25.59
CA HIS B 274 -17.55 -6.85 -24.46
C HIS B 274 -16.72 -7.08 -23.21
N ALA B 275 -17.34 -6.80 -22.03
CA ALA B 275 -16.71 -6.89 -20.71
C ALA B 275 -15.94 -8.17 -20.51
N SER B 276 -14.84 -8.07 -19.76
CA SER B 276 -13.94 -9.17 -19.42
C SER B 276 -13.32 -8.84 -18.06
N HIS B 277 -13.58 -9.67 -17.03
CA HIS B 277 -13.07 -9.39 -15.67
C HIS B 277 -11.60 -9.86 -15.52
N ILE B 278 -10.68 -9.12 -16.21
CA ILE B 278 -9.24 -9.38 -16.31
C ILE B 278 -8.53 -9.33 -14.95
N SER B 279 -7.92 -10.48 -14.61
CA SER B 279 -7.05 -10.68 -13.43
C SER B 279 -5.62 -10.53 -13.94
N LYS B 280 -5.24 -11.42 -14.89
CA LYS B 280 -3.96 -11.41 -15.58
C LYS B 280 -4.20 -11.19 -17.05
N LEU B 281 -3.46 -10.24 -17.63
CA LEU B 281 -3.47 -9.82 -19.03
C LEU B 281 -2.86 -10.93 -19.94
N PRO B 282 -3.29 -11.12 -21.24
CA PRO B 282 -2.66 -12.16 -22.08
C PRO B 282 -1.19 -11.86 -22.39
N LYS B 283 -0.36 -12.90 -22.58
CA LYS B 283 1.06 -12.72 -22.88
C LYS B 283 1.25 -12.01 -24.21
N GLY B 284 2.03 -10.93 -24.16
CA GLY B 284 2.30 -10.09 -25.33
C GLY B 284 1.51 -8.79 -25.33
N LYS B 285 0.45 -8.71 -24.51
CA LYS B 285 -0.44 -7.55 -24.36
C LYS B 285 -0.05 -6.73 -23.11
N HIS B 286 -0.04 -5.39 -23.24
CA HIS B 286 0.37 -4.45 -22.17
C HIS B 286 -0.81 -3.59 -21.68
N SER B 287 -1.91 -3.59 -22.42
CA SER B 287 -3.11 -2.85 -22.10
C SER B 287 -4.32 -3.48 -22.78
N VAL B 288 -5.51 -2.99 -22.40
CA VAL B 288 -6.81 -3.37 -22.96
C VAL B 288 -7.36 -2.12 -23.68
N LYS B 289 -7.93 -2.26 -24.89
CA LYS B 289 -8.64 -1.20 -25.56
C LYS B 289 -10.06 -1.66 -25.74
N GLY B 290 -10.97 -1.09 -24.97
CA GLY B 290 -12.39 -1.38 -25.10
C GLY B 290 -12.88 -0.66 -26.35
N LEU B 291 -13.19 -1.41 -27.42
CA LEU B 291 -13.61 -0.86 -28.71
C LEU B 291 -15.00 -0.24 -28.64
N GLY B 292 -15.08 1.04 -29.01
CA GLY B 292 -16.32 1.79 -29.02
C GLY B 292 -16.89 1.99 -30.41
N LYS B 293 -18.18 2.36 -30.49
CA LYS B 293 -18.87 2.61 -31.76
C LYS B 293 -18.33 3.88 -32.42
N THR B 294 -17.99 4.91 -31.61
CA THR B 294 -17.45 6.19 -32.03
C THR B 294 -15.98 6.31 -31.58
N THR B 295 -15.11 6.79 -32.48
CA THR B 295 -13.67 6.98 -32.25
C THR B 295 -13.20 8.36 -32.80
N PRO B 296 -12.24 9.06 -32.14
CA PRO B 296 -11.75 10.34 -32.71
C PRO B 296 -11.07 10.10 -34.07
N ASP B 297 -11.33 10.98 -35.08
CA ASP B 297 -10.82 10.89 -36.46
C ASP B 297 -9.29 10.68 -36.47
N PRO B 298 -8.82 9.48 -36.94
CA PRO B 298 -7.38 9.16 -36.88
C PRO B 298 -6.50 10.00 -37.78
N SER B 299 -7.08 10.70 -38.76
CA SER B 299 -6.35 11.59 -39.64
C SER B 299 -5.93 12.85 -38.88
N ALA B 300 -6.80 13.28 -37.92
CA ALA B 300 -6.66 14.49 -37.11
C ALA B 300 -5.75 14.35 -35.87
N ASN B 301 -5.09 13.19 -35.68
CA ASN B 301 -4.19 12.93 -34.56
C ASN B 301 -2.98 13.87 -34.58
N ILE B 302 -2.59 14.41 -33.43
CA ILE B 302 -1.46 15.33 -33.25
C ILE B 302 -0.42 14.63 -32.34
N SER B 303 0.84 15.12 -32.29
CA SER B 303 1.84 14.47 -31.45
C SER B 303 2.61 15.47 -30.52
N LEU B 304 1.92 15.96 -29.47
CA LEU B 304 2.48 16.84 -28.43
C LEU B 304 3.50 16.05 -27.56
N ASP B 305 4.79 16.42 -27.67
CA ASP B 305 5.96 15.89 -26.93
C ASP B 305 6.18 14.36 -27.16
N GLY B 306 6.04 13.93 -28.43
CA GLY B 306 6.21 12.54 -28.85
C GLY B 306 5.07 11.60 -28.49
N VAL B 307 3.99 12.16 -27.89
CA VAL B 307 2.81 11.43 -27.44
C VAL B 307 1.62 11.77 -28.34
N ASP B 308 0.88 10.74 -28.78
CA ASP B 308 -0.26 10.92 -29.66
C ASP B 308 -1.44 11.49 -28.91
N VAL B 309 -1.94 12.63 -29.40
CA VAL B 309 -3.09 13.31 -28.85
C VAL B 309 -4.24 13.02 -29.82
N PRO B 310 -5.18 12.12 -29.46
CA PRO B 310 -6.28 11.78 -30.38
C PRO B 310 -7.40 12.83 -30.32
N LEU B 311 -7.08 14.08 -30.71
CA LEU B 311 -8.03 15.21 -30.64
C LEU B 311 -8.91 15.28 -31.90
N GLY B 312 -8.99 14.18 -32.66
CA GLY B 312 -9.85 14.08 -33.83
C GLY B 312 -11.32 14.20 -33.47
N THR B 313 -12.11 14.84 -34.35
CA THR B 313 -13.54 15.00 -34.10
C THR B 313 -14.24 13.62 -34.22
N GLY B 314 -15.20 13.39 -33.33
CA GLY B 314 -15.95 12.15 -33.23
C GLY B 314 -16.54 11.61 -34.51
N ILE B 315 -15.96 10.48 -35.00
CA ILE B 315 -16.39 9.77 -36.20
C ILE B 315 -16.70 8.30 -35.83
N SER B 316 -17.53 7.65 -36.64
CA SER B 316 -17.86 6.25 -36.41
C SER B 316 -16.69 5.32 -36.79
N SER B 317 -16.55 4.22 -36.04
CA SER B 317 -15.54 3.20 -36.28
C SER B 317 -16.20 2.01 -37.00
N GLY B 318 -15.40 1.00 -37.34
CA GLY B 318 -15.91 -0.20 -37.99
C GLY B 318 -16.93 -0.93 -37.16
N VAL B 319 -16.63 -1.09 -35.86
CA VAL B 319 -17.38 -1.75 -34.78
C VAL B 319 -18.82 -1.16 -34.64
N ASN B 320 -19.96 -1.93 -34.72
CA ASN B 320 -20.31 -3.34 -35.04
C ASN B 320 -20.00 -4.36 -33.92
N ASP B 321 -21.08 -4.72 -33.19
CA ASP B 321 -21.19 -5.66 -32.07
C ASP B 321 -20.29 -5.23 -30.92
N THR B 322 -20.75 -4.25 -30.16
CA THR B 322 -20.03 -3.74 -29.01
C THR B 322 -21.02 -3.13 -28.03
N SER B 323 -20.68 -3.24 -26.74
CA SER B 323 -21.48 -2.68 -25.65
C SER B 323 -20.94 -1.28 -25.28
N LEU B 324 -20.01 -0.74 -26.11
CA LEU B 324 -19.37 0.56 -25.86
C LEU B 324 -19.61 1.55 -26.98
N LEU B 325 -20.06 2.74 -26.59
CA LEU B 325 -20.28 3.88 -27.46
C LEU B 325 -18.96 4.54 -27.79
N TYR B 326 -18.09 4.62 -26.78
CA TYR B 326 -16.77 5.24 -26.88
C TYR B 326 -15.72 4.29 -26.39
N ASN B 327 -14.50 4.45 -26.91
CA ASN B 327 -13.33 3.66 -26.53
C ASN B 327 -12.96 3.88 -25.07
N GLU B 328 -12.24 2.93 -24.50
CA GLU B 328 -11.65 3.03 -23.17
C GLU B 328 -10.33 2.28 -23.20
N TYR B 329 -9.38 2.73 -22.40
CA TYR B 329 -8.06 2.11 -22.36
C TYR B 329 -7.76 1.79 -20.92
N ILE B 330 -7.19 0.59 -20.68
CA ILE B 330 -6.95 0.10 -19.33
C ILE B 330 -5.54 -0.49 -19.19
N VAL B 331 -4.83 -0.09 -18.13
CA VAL B 331 -3.50 -0.59 -17.82
C VAL B 331 -3.56 -1.24 -16.45
N TYR B 332 -2.76 -2.29 -16.25
CA TYR B 332 -2.83 -3.06 -15.01
C TYR B 332 -1.53 -2.93 -14.22
N ASP B 333 -0.71 -1.94 -14.59
CA ASP B 333 0.50 -1.57 -13.90
C ASP B 333 0.42 -0.10 -13.66
N ILE B 334 0.40 0.30 -12.39
CA ILE B 334 0.30 1.72 -12.01
C ILE B 334 1.46 2.57 -12.60
N ALA B 335 2.60 1.92 -12.95
CA ALA B 335 3.78 2.58 -13.52
C ALA B 335 3.63 2.87 -15.04
N GLN B 336 2.56 2.38 -15.69
CA GLN B 336 2.33 2.61 -17.12
C GLN B 336 1.71 3.99 -17.38
N VAL B 337 1.37 4.70 -16.30
CA VAL B 337 0.74 6.03 -16.31
C VAL B 337 1.73 7.09 -15.81
N ASN B 338 1.78 8.22 -16.52
CA ASN B 338 2.53 9.42 -16.19
C ASN B 338 1.59 10.59 -16.37
N LEU B 339 1.09 11.14 -15.25
CA LEU B 339 0.14 12.27 -15.27
C LEU B 339 0.84 13.50 -15.81
N LYS B 340 0.19 14.20 -16.75
CA LYS B 340 0.76 15.36 -17.41
C LYS B 340 0.03 16.66 -17.07
N TYR B 341 -1.31 16.69 -17.16
CA TYR B 341 -2.09 17.91 -16.93
C TYR B 341 -3.30 17.67 -16.09
N LEU B 342 -3.71 18.72 -15.34
CA LEU B 342 -4.89 18.74 -14.51
C LEU B 342 -5.71 19.91 -14.95
N LEU B 343 -6.93 19.65 -15.43
CA LEU B 343 -7.86 20.67 -15.86
C LEU B 343 -8.97 20.89 -14.87
N LYS B 344 -9.35 22.15 -14.70
CA LYS B 344 -10.48 22.59 -13.88
C LYS B 344 -11.57 23.00 -14.88
N LEU B 345 -12.62 22.16 -15.01
CA LEU B 345 -13.71 22.37 -15.95
C LEU B 345 -14.96 22.95 -15.35
N LYS B 346 -15.65 23.80 -16.12
CA LYS B 346 -16.96 24.34 -15.80
C LYS B 346 -17.97 23.62 -16.69
N PHE B 347 -19.04 23.09 -16.08
CA PHE B 347 -20.11 22.38 -16.76
C PHE B 347 -21.30 23.32 -16.91
N ASN B 348 -21.62 23.66 -18.15
CA ASN B 348 -22.74 24.54 -18.47
C ASN B 348 -23.88 23.64 -18.87
N PHE B 349 -24.60 23.13 -17.85
CA PHE B 349 -25.72 22.22 -17.99
C PHE B 349 -26.87 22.88 -18.74
N LYS B 350 -27.40 22.16 -19.75
CA LYS B 350 -28.47 22.60 -20.65
C LYS B 350 -28.98 21.42 -21.47
N THR B 351 -30.29 21.36 -21.72
CA THR B 351 -30.85 20.31 -22.56
C THR B 351 -30.57 20.62 -24.05
N ALA B 352 -30.33 19.53 -24.82
CA ALA B 352 -30.14 19.53 -26.27
C ALA B 352 -30.77 18.25 -26.88
N HIS B 353 -31.51 18.35 -28.00
CA HIS B 353 -32.13 17.17 -28.59
C HIS B 353 -31.23 16.57 -29.69
N HIS B 354 -31.24 15.23 -29.83
CA HIS B 354 -30.43 14.48 -30.80
C HIS B 354 -30.86 14.82 -32.25
N HIS B 355 -29.94 15.35 -33.09
CA HIS B 355 -30.22 15.64 -34.50
C HIS B 355 -29.80 14.44 -35.36
N HIS B 356 -30.57 14.13 -36.45
CA HIS B 356 -30.28 13.00 -37.34
C HIS B 356 -30.23 13.41 -38.83
N HIS B 357 -29.09 13.11 -39.49
CA HIS B 357 -28.77 13.36 -40.91
C HIS B 357 -28.88 14.84 -41.25
S SO4 C . 4.98 9.01 0.56
O1 SO4 C . 4.57 10.41 0.52
O2 SO4 C . 5.76 8.71 1.77
O3 SO4 C . 5.80 8.70 -0.60
O4 SO4 C . 3.80 8.17 0.48
S SO4 D . 20.82 -20.26 11.26
O1 SO4 D . 20.41 -19.12 10.45
O2 SO4 D . 21.32 -19.79 12.57
O3 SO4 D . 19.69 -21.17 11.50
O4 SO4 D . 21.91 -20.94 10.52
S SO4 E . 33.18 -20.11 31.19
O1 SO4 E . 32.43 -18.85 31.21
O2 SO4 E . 34.61 -19.84 31.39
O3 SO4 E . 32.72 -21.01 32.26
O4 SO4 E . 32.95 -20.73 29.88
S SO4 F . 21.11 -6.95 13.15
O1 SO4 F . 21.58 -5.72 12.52
O2 SO4 F . 21.13 -6.90 14.61
O3 SO4 F . 22.01 -8.03 12.72
O4 SO4 F . 19.74 -7.18 12.68
S SO4 G . 10.92 -9.22 4.46
O1 SO4 G . 10.46 -7.82 4.39
O2 SO4 G . 12.37 -9.26 4.58
O3 SO4 G . 10.44 -9.85 5.70
O4 SO4 G . 10.48 -9.94 3.25
N1 XAV H . 12.99 -12.04 12.29
C2 XAV H . 13.46 -11.63 11.11
N3 XAV H . 14.08 -12.51 10.25
C4 XAV H . 14.22 -13.75 10.58
C5 XAV H . 13.73 -14.25 11.84
C6 XAV H . 13.12 -13.34 12.67
O6 XAV H . 12.66 -13.79 13.82
FAB XAV H . 14.11 -6.58 7.67
FAC XAV H . 12.02 -6.12 8.50
FAD XAV H . 14.02 -5.59 9.65
CAE XAV H . 14.02 -9.30 11.28
CAF XAV H . 12.78 -10.16 9.35
CAG XAV H . 14.00 -8.01 10.69
CAH XAV H . 12.78 -8.88 8.78
CAI XAV H . 15.46 -15.79 10.09
CAJ XAV H . 14.94 -14.51 9.50
CAK XAV H . 13.84 -15.64 12.31
SAN XAV H . 14.02 -16.63 10.84
CAP XAV H . 13.42 -10.36 10.61
CAQ XAV H . 13.38 -7.82 9.46
CAU XAV H . 13.35 -6.44 8.79
S SO4 I . -5.25 2.35 8.73
O1 SO4 I . -5.92 3.49 8.12
O2 SO4 I . -5.12 2.61 10.17
O3 SO4 I . -6.04 1.16 8.55
O4 SO4 I . -3.94 2.15 8.11
S SO4 J . -19.79 4.12 -22.94
O1 SO4 J . -20.23 5.52 -22.86
O2 SO4 J . -18.65 4.04 -23.88
O3 SO4 J . -20.96 3.32 -23.39
O4 SO4 J . -19.35 3.67 -21.64
N1 XAV K . -12.61 7.55 -14.75
C2 XAV K . -13.12 6.50 -14.14
N3 XAV K . -13.58 5.45 -14.86
C4 XAV K . -13.59 5.48 -16.17
C5 XAV K . -13.05 6.61 -16.86
C6 XAV K . -12.57 7.63 -16.07
O6 XAV K . -12.09 8.69 -16.64
FAB XAV K . -13.89 4.87 -8.25
FAC XAV K . -11.76 5.63 -8.03
FAD XAV K . -13.54 6.92 -7.75
CAE XAV K . -13.29 7.52 -11.91
CAF XAV K . -12.93 5.16 -12.14
CAG XAV K . -13.27 7.40 -10.50
CAH XAV K . -12.89 5.03 -10.76
CAI XAV K . -14.57 4.47 -18.27
CAJ XAV K . -14.21 4.23 -16.81
CAK XAV K . -13.00 6.77 -18.35
SAN XAV K . -13.11 5.16 -19.20
CAP XAV K . -13.13 6.42 -12.74
CAQ XAV K . -13.07 6.13 -9.95
CAU XAV K . -13.04 5.89 -8.43
#